data_9HJJ
#
_entry.id   9HJJ
#
_cell.length_a   1.00
_cell.length_b   1.00
_cell.length_c   1.00
_cell.angle_alpha   90.00
_cell.angle_beta   90.00
_cell.angle_gamma   90.00
#
_symmetry.space_group_name_H-M   'P 1'
#
_entity_poly.entity_id   1
_entity_poly.type   'polypeptide(L)'
_entity_poly.pdbx_seq_one_letter_code
;HHHHHHSSGLVPRGSHMMRSVYPLARRSMAAYTMHNMTVPEPYDYLEDPENPETKTFVNEQNAFFEEYFASEAELRKKIF
ESISNSQDYPRTSNPSYINGHYYYYHNSGLQNQSVLMRAMSLTDTAPSIFLDPNSMSSDGTTALKATAWSEDESMLAYSL
SDKGSDWQRIHVRRADTVEDTSDVIEWAKFTAIAWWHNLGFFYTRYPALQGDVDKGAETDAAQDAFICFHRIGRPQDEDV
VILSVPEHPQWNMGASVSDCHSYVIVVLFDGCEPHNLVWVAELPSVEKGLGSEPLVFKKLVNEFAGRYTYLGNEGSTFYF
VTTRDAPRKKIVSIDIHTGQETVIVEQQRSVLSQAALVKKTLLLAYLEDVKDVFYYCRLEDPTLNAIPLPIGTITSFFSD
RKKDFVSFKITSFLLPGRSFFLDINDPQSSLRVFKDDTVEGLLVDDFVTEQTFYNSSDGVRIPMFIVYRKGSVSSESPLL
LYGYGGFNIPLTPAFSSSRMVFLRDLGGVLAVLNIRGGGEYGEEWHDAGRRACKQNCFTDFIEGAKFLHRQGYGSPQTTA
IMGGSNGGLLVAAVANQAPELFRCVVCRVGVLDMYKFHKFTIGHAWKSDYGDPEKEEDFRVLQQYSPLHNIKSGIKYPAI
LVVTGDHDDRVVPLHSLKYVATLQHMNPNEGGPFLARIEVAAGHGAGKPTSKILREAGDIYTFIAKNINASWKE
;
_entity_poly.pdbx_strand_id   A
#
# COMPACT_ATOMS: atom_id res chain seq x y z
N MET A 18 36.88 19.41 -4.31
CA MET A 18 36.94 20.22 -5.52
C MET A 18 36.69 21.69 -5.23
N ARG A 19 37.35 22.56 -5.99
CA ARG A 19 37.22 24.01 -5.85
C ARG A 19 36.79 24.63 -7.18
N SER A 20 36.00 23.89 -7.95
CA SER A 20 35.56 24.35 -9.26
C SER A 20 34.44 25.37 -9.12
N VAL A 21 34.27 26.17 -10.18
CA VAL A 21 33.23 27.20 -10.20
C VAL A 21 31.89 26.54 -10.46
N TYR A 22 30.81 27.29 -10.25
CA TYR A 22 29.44 26.84 -10.41
C TYR A 22 28.62 27.99 -10.99
N PRO A 23 27.48 27.69 -11.62
CA PRO A 23 26.64 28.78 -12.13
C PRO A 23 26.23 29.70 -11.00
N LEU A 24 26.31 31.01 -11.27
CA LEU A 24 26.04 32.00 -10.24
C LEU A 24 24.52 32.10 -10.05
N ALA A 25 24.04 31.35 -9.06
CA ALA A 25 22.63 31.39 -8.72
C ALA A 25 22.26 32.78 -8.23
N ARG A 26 21.47 33.50 -9.01
CA ARG A 26 21.23 34.91 -8.76
C ARG A 26 20.44 35.13 -7.48
N ARG A 27 20.75 36.22 -6.79
CA ARG A 27 20.05 36.63 -5.59
C ARG A 27 19.51 38.04 -5.84
N SER A 28 18.28 38.27 -5.40
CA SER A 28 17.62 39.56 -5.61
C SER A 28 17.23 40.17 -4.27
N MET A 29 16.98 41.47 -4.28
CA MET A 29 16.53 42.16 -3.08
C MET A 29 15.12 41.76 -2.67
N ALA A 30 14.42 41.00 -3.51
CA ALA A 30 13.05 40.63 -3.20
C ALA A 30 12.97 39.91 -1.86
N ALA A 31 12.10 40.41 -0.99
CA ALA A 31 11.98 39.87 0.36
C ALA A 31 10.57 40.21 0.84
N TYR A 32 9.68 39.23 0.77
CA TYR A 32 8.34 39.40 1.32
C TYR A 32 8.44 39.45 2.84
N THR A 33 8.07 40.59 3.42
CA THR A 33 8.15 40.77 4.86
C THR A 33 6.99 39.99 5.49
N MET A 34 7.27 38.75 5.88
CA MET A 34 6.26 37.81 6.33
C MET A 34 6.20 37.90 7.84
N HIS A 35 5.04 38.27 8.37
CA HIS A 35 4.81 38.39 9.81
C HIS A 35 5.81 39.34 10.45
N ASN A 36 5.92 40.54 9.85
CA ASN A 36 6.79 41.60 10.34
C ASN A 36 8.26 41.20 10.34
N MET A 37 8.61 40.09 9.69
CA MET A 37 9.98 39.63 9.57
C MET A 37 10.38 39.68 8.11
N THR A 38 11.43 40.43 7.80
CA THR A 38 11.88 40.60 6.41
C THR A 38 12.80 39.43 6.04
N VAL A 39 12.17 38.29 5.81
CA VAL A 39 12.89 37.13 5.31
C VAL A 39 13.29 37.41 3.87
N PRO A 40 14.57 37.28 3.53
CA PRO A 40 14.96 37.49 2.13
C PRO A 40 14.50 36.33 1.27
N GLU A 41 13.96 36.66 0.10
CA GLU A 41 13.64 35.68 -0.93
C GLU A 41 14.42 36.07 -2.17
N PRO A 42 15.74 35.91 -2.13
CA PRO A 42 16.59 36.32 -3.25
C PRO A 42 16.41 35.47 -4.49
N TYR A 43 15.59 34.43 -4.41
CA TYR A 43 15.38 33.50 -5.50
C TYR A 43 13.93 33.49 -5.92
N ASP A 44 13.34 34.68 -6.06
CA ASP A 44 12.01 34.79 -6.65
C ASP A 44 12.00 34.37 -8.11
N TYR A 45 13.18 34.23 -8.72
CA TYR A 45 13.25 33.84 -10.12
C TYR A 45 12.66 32.46 -10.36
N LEU A 46 12.98 31.51 -9.49
CA LEU A 46 12.63 30.11 -9.71
C LEU A 46 11.36 29.70 -8.97
N GLU A 47 10.45 30.66 -8.80
CA GLU A 47 9.12 30.37 -8.28
C GLU A 47 8.12 30.09 -9.39
N ASP A 48 8.57 30.08 -10.65
CA ASP A 48 7.71 29.85 -11.79
C ASP A 48 8.57 29.26 -12.90
N PRO A 49 8.17 28.12 -13.49
CA PRO A 49 8.97 27.53 -14.57
C PRO A 49 9.04 28.41 -15.80
N GLU A 50 8.10 29.34 -15.96
CA GLU A 50 7.94 30.03 -17.24
C GLU A 50 9.08 30.98 -17.57
N ASN A 51 9.93 31.31 -16.59
CA ASN A 51 11.05 32.18 -16.87
C ASN A 51 12.11 31.44 -17.69
N PRO A 52 12.92 32.17 -18.45
CA PRO A 52 14.10 31.52 -19.07
C PRO A 52 15.21 31.27 -18.07
N GLU A 53 15.32 32.10 -17.04
CA GLU A 53 16.39 31.96 -16.06
C GLU A 53 16.29 30.62 -15.34
N THR A 54 15.09 30.25 -14.91
CA THR A 54 14.92 28.98 -14.21
C THR A 54 15.22 27.80 -15.12
N LYS A 55 14.80 27.89 -16.38
CA LYS A 55 15.08 26.79 -17.32
C LYS A 55 16.59 26.63 -17.52
N THR A 56 17.30 27.74 -17.71
CA THR A 56 18.74 27.63 -17.90
C THR A 56 19.43 27.13 -16.63
N PHE A 57 18.97 27.55 -15.45
CA PHE A 57 19.55 27.06 -14.21
C PHE A 57 19.34 25.56 -14.06
N VAL A 58 18.14 25.08 -14.40
CA VAL A 58 17.86 23.65 -14.38
C VAL A 58 18.77 22.91 -15.36
N ASN A 59 18.98 23.49 -16.55
CA ASN A 59 19.87 22.88 -17.52
C ASN A 59 21.28 22.75 -16.97
N GLU A 60 21.77 23.81 -16.31
CA GLU A 60 23.11 23.77 -15.74
C GLU A 60 23.19 22.75 -14.60
N GLN A 61 22.13 22.62 -13.81
CA GLN A 61 22.13 21.63 -12.72
C GLN A 61 22.23 20.22 -13.27
N ASN A 62 21.44 19.91 -14.30
CA ASN A 62 21.56 18.61 -14.94
C ASN A 62 22.94 18.40 -15.53
N ALA A 63 23.51 19.43 -16.17
CA ALA A 63 24.83 19.30 -16.76
C ALA A 63 25.89 19.02 -15.70
N PHE A 64 25.80 19.69 -14.56
CA PHE A 64 26.79 19.45 -13.50
C PHE A 64 26.64 18.06 -12.90
N PHE A 65 25.41 17.59 -12.70
CA PHE A 65 25.24 16.24 -12.15
C PHE A 65 25.80 15.21 -13.12
N GLU A 66 25.53 15.40 -14.41
CA GLU A 66 26.08 14.49 -15.43
C GLU A 66 27.59 14.55 -15.46
N GLU A 67 28.18 15.74 -15.34
CA GLU A 67 29.63 15.85 -15.33
C GLU A 67 30.23 15.13 -14.14
N TYR A 68 29.59 15.25 -12.97
CA TYR A 68 30.06 14.53 -11.79
C TYR A 68 29.98 13.02 -11.99
N PHE A 69 28.94 12.54 -12.66
CA PHE A 69 28.76 11.10 -12.84
C PHE A 69 29.41 10.56 -14.10
N ALA A 70 30.07 11.40 -14.89
CA ALA A 70 30.63 10.94 -16.16
C ALA A 70 31.62 9.79 -15.96
N SER A 71 32.51 9.90 -14.97
CA SER A 71 33.52 8.86 -14.78
C SER A 71 32.91 7.56 -14.27
N GLU A 72 31.96 7.65 -13.35
CA GLU A 72 31.33 6.47 -12.79
C GLU A 72 30.18 5.94 -13.64
N ALA A 73 29.93 6.57 -14.81
CA ALA A 73 28.84 6.14 -15.68
C ALA A 73 28.93 4.67 -16.06
N GLU A 74 30.13 4.09 -16.11
CA GLU A 74 30.23 2.68 -16.48
C GLU A 74 29.53 1.79 -15.44
N LEU A 75 29.90 1.96 -14.17
CA LEU A 75 29.22 1.20 -13.12
C LEU A 75 27.77 1.65 -12.98
N ARG A 76 27.48 2.91 -13.30
CA ARG A 76 26.10 3.38 -13.26
C ARG A 76 25.24 2.60 -14.25
N LYS A 77 25.74 2.42 -15.47
CA LYS A 77 25.02 1.62 -16.45
C LYS A 77 24.95 0.16 -16.04
N LYS A 78 26.02 -0.37 -15.43
CA LYS A 78 25.97 -1.73 -14.93
C LYS A 78 24.83 -1.92 -13.94
N ILE A 79 24.77 -1.05 -12.92
CA ILE A 79 23.75 -1.21 -11.90
C ILE A 79 22.37 -0.88 -12.47
N PHE A 80 22.29 0.01 -13.46
CA PHE A 80 21.02 0.29 -14.10
C PHE A 80 20.49 -0.93 -14.83
N GLU A 81 21.36 -1.64 -15.55
CA GLU A 81 20.93 -2.90 -16.16
C GLU A 81 20.53 -3.91 -15.09
N SER A 82 21.25 -3.95 -13.98
CA SER A 82 20.94 -4.91 -12.94
C SER A 82 19.57 -4.64 -12.31
N ILE A 83 19.25 -3.37 -12.05
CA ILE A 83 17.94 -3.06 -11.48
C ILE A 83 16.85 -3.28 -12.51
N SER A 84 17.11 -2.93 -13.78
CA SER A 84 16.10 -3.13 -14.81
C SER A 84 15.81 -4.60 -15.04
N ASN A 85 16.79 -5.47 -14.78
CA ASN A 85 16.56 -6.91 -14.97
C ASN A 85 15.59 -7.48 -13.95
N SER A 86 15.25 -6.71 -12.92
CA SER A 86 14.33 -7.16 -11.88
C SER A 86 12.93 -6.59 -12.06
N GLN A 87 12.53 -6.30 -13.29
CA GLN A 87 11.19 -5.80 -13.57
C GLN A 87 10.27 -6.83 -14.19
N ASP A 88 10.81 -7.96 -14.66
CA ASP A 88 10.01 -9.05 -15.19
C ASP A 88 10.06 -10.21 -14.21
N TYR A 89 8.89 -10.63 -13.73
CA TYR A 89 8.87 -11.64 -12.69
C TYR A 89 7.55 -12.40 -12.67
N PRO A 90 7.57 -13.71 -12.92
CA PRO A 90 6.37 -14.50 -12.67
C PRO A 90 5.97 -14.42 -11.20
N ARG A 91 4.67 -14.30 -10.96
CA ARG A 91 4.16 -14.13 -9.61
C ARG A 91 2.91 -14.98 -9.43
N THR A 92 2.90 -15.81 -8.41
CA THR A 92 1.78 -16.67 -8.09
C THR A 92 0.98 -16.08 -6.93
N SER A 93 0.02 -16.84 -6.43
CA SER A 93 -0.89 -16.35 -5.39
C SER A 93 -1.26 -17.51 -4.47
N ASN A 94 -2.28 -17.30 -3.67
CA ASN A 94 -2.72 -18.32 -2.73
C ASN A 94 -3.36 -19.50 -3.48
N PRO A 95 -3.18 -20.72 -2.99
CA PRO A 95 -3.86 -21.87 -3.59
C PRO A 95 -5.25 -22.04 -3.03
N SER A 96 -6.01 -22.93 -3.66
CA SER A 96 -7.34 -23.29 -3.16
C SER A 96 -7.62 -24.74 -3.56
N TYR A 97 -7.68 -25.62 -2.57
CA TYR A 97 -8.04 -27.02 -2.79
C TYR A 97 -9.55 -27.11 -2.81
N ILE A 98 -10.12 -27.23 -4.02
CA ILE A 98 -11.56 -27.29 -4.21
C ILE A 98 -11.88 -28.48 -5.11
N ASN A 99 -12.76 -29.36 -4.63
CA ASN A 99 -13.23 -30.51 -5.41
C ASN A 99 -12.07 -31.36 -5.93
N GLY A 100 -11.01 -31.49 -5.13
CA GLY A 100 -9.88 -32.29 -5.53
C GLY A 100 -8.92 -31.64 -6.50
N HIS A 101 -9.04 -30.35 -6.72
CA HIS A 101 -8.13 -29.62 -7.59
C HIS A 101 -7.52 -28.46 -6.83
N TYR A 102 -6.43 -27.93 -7.37
CA TYR A 102 -5.75 -26.77 -6.79
C TYR A 102 -5.90 -25.61 -7.77
N TYR A 103 -6.82 -24.70 -7.44
CA TYR A 103 -7.03 -23.49 -8.23
C TYR A 103 -6.15 -22.38 -7.69
N TYR A 104 -5.42 -21.70 -8.58
CA TYR A 104 -4.54 -20.62 -8.17
C TYR A 104 -4.20 -19.77 -9.38
N TYR A 105 -3.65 -18.59 -9.11
CA TYR A 105 -3.38 -17.58 -10.12
C TYR A 105 -1.91 -17.58 -10.52
N HIS A 106 -1.65 -17.16 -11.76
CA HIS A 106 -0.30 -17.11 -12.31
C HIS A 106 -0.15 -15.86 -13.17
N ASN A 107 1.11 -15.58 -13.49
CA ASN A 107 1.49 -14.39 -14.25
C ASN A 107 2.82 -14.70 -14.92
N SER A 108 2.96 -14.30 -16.18
CA SER A 108 4.20 -14.52 -16.91
C SER A 108 5.11 -13.30 -16.92
N GLY A 109 4.57 -12.10 -17.06
CA GLY A 109 5.35 -10.88 -16.98
C GLY A 109 5.14 -9.92 -18.13
N LEU A 110 4.94 -10.44 -19.33
CA LEU A 110 4.74 -9.61 -20.51
C LEU A 110 3.27 -9.28 -20.77
N GLN A 111 2.36 -9.74 -19.92
CA GLN A 111 0.95 -9.49 -20.08
C GLN A 111 0.44 -8.56 -18.97
N ASN A 112 -0.82 -8.13 -19.12
CA ASN A 112 -1.36 -7.06 -18.29
C ASN A 112 -2.37 -7.54 -17.24
N GLN A 113 -2.96 -8.71 -17.40
CA GLN A 113 -3.79 -9.30 -16.35
C GLN A 113 -3.19 -10.62 -15.91
N SER A 114 -3.81 -11.20 -14.88
CA SER A 114 -3.39 -12.49 -14.35
C SER A 114 -4.25 -13.61 -14.93
N VAL A 115 -3.74 -14.84 -14.85
CA VAL A 115 -4.44 -16.01 -15.34
C VAL A 115 -4.79 -16.89 -14.13
N LEU A 116 -5.80 -17.75 -14.32
CA LEU A 116 -6.25 -18.65 -13.28
C LEU A 116 -6.22 -20.08 -13.82
N MET A 117 -5.74 -21.03 -13.02
CA MET A 117 -5.69 -22.40 -13.52
C MET A 117 -5.64 -23.38 -12.36
N ARG A 118 -5.80 -24.66 -12.71
CA ARG A 118 -5.92 -25.75 -11.77
C ARG A 118 -4.79 -26.74 -11.95
N ALA A 119 -4.44 -27.39 -10.84
CA ALA A 119 -3.42 -28.42 -10.80
C ALA A 119 -4.00 -29.65 -10.10
N MET A 120 -3.53 -30.83 -10.51
CA MET A 120 -4.08 -32.05 -9.92
C MET A 120 -3.65 -32.25 -8.48
N SER A 121 -2.48 -31.73 -8.08
CA SER A 121 -2.01 -31.97 -6.72
C SER A 121 -1.02 -30.87 -6.33
N LEU A 122 -0.47 -31.03 -5.13
CA LEU A 122 0.52 -30.09 -4.63
C LEU A 122 1.74 -30.02 -5.53
N THR A 123 2.21 -31.18 -6.02
CA THR A 123 3.44 -31.27 -6.79
C THR A 123 3.17 -31.43 -8.29
N ASP A 124 2.17 -30.73 -8.82
CA ASP A 124 1.94 -30.75 -10.26
C ASP A 124 3.15 -30.19 -10.99
N THR A 125 3.50 -30.85 -12.10
CA THR A 125 4.55 -30.34 -12.97
C THR A 125 4.00 -29.30 -13.93
N ALA A 126 3.04 -29.69 -14.76
CA ALA A 126 2.45 -28.80 -15.76
C ALA A 126 0.98 -28.57 -15.43
N PRO A 127 0.57 -27.35 -15.11
CA PRO A 127 -0.85 -27.11 -14.77
C PRO A 127 -1.75 -27.13 -15.99
N SER A 128 -3.04 -26.86 -15.79
CA SER A 128 -4.01 -26.83 -16.88
C SER A 128 -4.79 -25.52 -16.80
N ILE A 129 -4.77 -24.75 -17.89
CA ILE A 129 -5.37 -23.42 -17.90
C ILE A 129 -6.87 -23.53 -17.70
N PHE A 130 -7.43 -22.59 -16.93
CA PHE A 130 -8.85 -22.60 -16.59
C PHE A 130 -9.56 -21.28 -16.87
N LEU A 131 -8.86 -20.15 -16.76
CA LEU A 131 -9.48 -18.84 -16.90
C LEU A 131 -8.42 -17.89 -17.43
N ASP A 132 -8.60 -17.43 -18.67
CA ASP A 132 -7.68 -16.50 -19.30
C ASP A 132 -8.47 -15.27 -19.68
N PRO A 133 -8.40 -14.20 -18.89
CA PRO A 133 -9.16 -12.99 -19.22
C PRO A 133 -8.56 -12.19 -20.35
N ASN A 134 -7.40 -12.60 -20.86
CA ASN A 134 -6.67 -11.86 -21.87
C ASN A 134 -7.08 -12.19 -23.30
N SER A 135 -8.05 -13.09 -23.49
CA SER A 135 -8.35 -13.61 -24.82
C SER A 135 -9.70 -13.17 -25.36
N MET A 136 -10.73 -13.15 -24.51
CA MET A 136 -12.10 -12.97 -24.99
C MET A 136 -12.33 -11.60 -25.61
N SER A 137 -11.44 -10.65 -25.40
CA SER A 137 -11.61 -9.28 -25.89
C SER A 137 -10.45 -8.93 -26.82
N SER A 138 -10.79 -8.30 -27.96
CA SER A 138 -9.74 -7.85 -28.88
C SER A 138 -8.79 -6.89 -28.19
N ASP A 139 -9.33 -5.93 -27.44
CA ASP A 139 -8.49 -5.12 -26.57
C ASP A 139 -7.87 -5.99 -25.49
N GLY A 140 -8.62 -6.96 -24.97
CA GLY A 140 -8.13 -7.79 -23.90
C GLY A 140 -7.74 -7.01 -22.67
N THR A 141 -8.54 -6.00 -22.31
CA THR A 141 -8.25 -5.15 -21.17
C THR A 141 -9.15 -5.48 -19.98
N THR A 142 -10.22 -6.24 -20.19
CA THR A 142 -11.09 -6.63 -19.09
C THR A 142 -10.35 -7.56 -18.13
N ALA A 143 -10.81 -7.56 -16.89
CA ALA A 143 -10.18 -8.35 -15.83
C ALA A 143 -11.24 -8.89 -14.90
N LEU A 144 -10.89 -9.96 -14.19
CA LEU A 144 -11.77 -10.58 -13.21
C LEU A 144 -11.85 -9.66 -12.00
N LYS A 145 -12.94 -8.90 -11.93
CA LYS A 145 -13.10 -7.94 -10.84
C LYS A 145 -13.64 -8.64 -9.60
N ALA A 146 -14.42 -9.69 -9.78
CA ALA A 146 -15.01 -10.41 -8.66
C ALA A 146 -15.14 -11.88 -9.04
N THR A 147 -15.26 -12.73 -8.03
CA THR A 147 -15.32 -14.17 -8.24
C THR A 147 -16.18 -14.81 -7.16
N ALA A 148 -16.75 -15.97 -7.50
CA ALA A 148 -17.56 -16.73 -6.56
C ALA A 148 -17.70 -18.16 -7.04
N TRP A 149 -17.40 -19.12 -6.15
CA TRP A 149 -17.70 -20.52 -6.39
C TRP A 149 -19.15 -20.80 -6.07
N SER A 150 -19.52 -22.08 -6.04
CA SER A 150 -20.88 -22.49 -5.74
C SER A 150 -20.85 -23.76 -4.90
N GLU A 151 -21.98 -24.05 -4.25
CA GLU A 151 -22.08 -25.26 -3.45
C GLU A 151 -21.86 -26.51 -4.28
N ASP A 152 -22.42 -26.56 -5.49
CA ASP A 152 -22.21 -27.68 -6.39
C ASP A 152 -20.91 -27.55 -7.17
N GLU A 153 -20.23 -26.41 -7.08
CA GLU A 153 -18.93 -26.19 -7.71
C GLU A 153 -18.98 -26.38 -9.22
N SER A 154 -20.16 -26.26 -9.82
CA SER A 154 -20.30 -26.50 -11.24
C SER A 154 -19.92 -25.30 -12.10
N MET A 155 -19.80 -24.11 -11.51
CA MET A 155 -19.56 -22.92 -12.30
C MET A 155 -18.95 -21.85 -11.41
N LEU A 156 -18.05 -21.06 -11.98
CA LEU A 156 -17.42 -19.93 -11.28
C LEU A 156 -18.01 -18.63 -11.81
N ALA A 157 -18.83 -17.97 -10.99
CA ALA A 157 -19.42 -16.69 -11.38
C ALA A 157 -18.38 -15.59 -11.17
N TYR A 158 -17.95 -14.97 -12.26
CA TYR A 158 -16.95 -13.93 -12.18
C TYR A 158 -17.38 -12.74 -13.01
N SER A 159 -17.01 -11.55 -12.56
CA SER A 159 -17.32 -10.31 -13.23
C SER A 159 -16.14 -9.88 -14.08
N LEU A 160 -16.39 -9.58 -15.35
CA LEU A 160 -15.36 -9.12 -16.29
C LEU A 160 -15.55 -7.62 -16.48
N SER A 161 -14.82 -6.83 -15.71
CA SER A 161 -14.96 -5.38 -15.75
C SER A 161 -14.10 -4.80 -16.86
N ASP A 162 -14.69 -3.92 -17.67
CA ASP A 162 -14.02 -3.33 -18.81
C ASP A 162 -13.92 -1.82 -18.60
N LYS A 163 -12.69 -1.30 -18.72
CA LYS A 163 -12.34 0.12 -18.65
C LYS A 163 -13.10 0.89 -17.57
N GLY A 164 -13.39 0.24 -16.45
CA GLY A 164 -14.04 0.93 -15.34
C GLY A 164 -15.51 1.24 -15.50
N SER A 165 -15.91 1.79 -16.64
CA SER A 165 -17.29 2.18 -16.87
C SER A 165 -18.16 0.94 -16.95
N ASP A 166 -19.47 1.13 -16.80
CA ASP A 166 -20.39 0.00 -16.79
C ASP A 166 -20.64 -0.59 -18.17
N TRP A 167 -20.21 0.11 -19.24
CA TRP A 167 -20.28 -0.46 -20.59
C TRP A 167 -19.26 -1.59 -20.66
N GLN A 168 -19.74 -2.80 -20.42
CA GLN A 168 -18.85 -3.91 -20.09
C GLN A 168 -19.37 -5.19 -20.72
N ARG A 169 -18.45 -6.13 -20.92
CA ARG A 169 -18.77 -7.48 -21.32
C ARG A 169 -18.33 -8.41 -20.19
N ILE A 170 -19.28 -9.14 -19.64
CA ILE A 170 -19.03 -10.09 -18.55
C ILE A 170 -19.43 -11.47 -19.04
N HIS A 171 -18.54 -12.44 -18.86
CA HIS A 171 -18.71 -13.77 -19.42
C HIS A 171 -18.55 -14.82 -18.35
N VAL A 172 -18.73 -16.08 -18.74
CA VAL A 172 -18.69 -17.24 -17.84
C VAL A 172 -18.13 -18.43 -18.60
N ARG A 173 -17.21 -19.16 -17.97
CA ARG A 173 -16.71 -20.43 -18.50
C ARG A 173 -16.89 -21.48 -17.41
N ARG A 174 -17.27 -22.69 -17.81
CA ARG A 174 -17.58 -23.75 -16.86
C ARG A 174 -16.28 -24.42 -16.38
N ALA A 175 -16.46 -25.55 -15.68
CA ALA A 175 -15.35 -26.32 -15.12
C ALA A 175 -15.24 -27.71 -15.74
N ASP A 176 -16.35 -28.45 -15.83
CA ASP A 176 -16.30 -29.79 -16.39
C ASP A 176 -16.01 -29.75 -17.89
N THR A 177 -16.35 -28.65 -18.56
CA THR A 177 -16.15 -28.51 -19.98
C THR A 177 -15.40 -27.23 -20.35
N VAL A 178 -15.56 -26.18 -19.57
CA VAL A 178 -14.92 -24.87 -19.69
C VAL A 178 -15.15 -24.24 -21.07
N GLU A 179 -16.25 -24.58 -21.72
CA GLU A 179 -16.79 -23.67 -22.74
C GLU A 179 -17.55 -22.55 -22.03
N ASP A 180 -18.09 -21.63 -22.83
CA ASP A 180 -18.74 -20.43 -22.33
C ASP A 180 -20.24 -20.55 -22.60
N THR A 181 -21.04 -20.44 -21.53
CA THR A 181 -22.49 -20.51 -21.65
C THR A 181 -23.07 -19.15 -22.04
N SER A 182 -24.27 -19.19 -22.61
CA SER A 182 -24.97 -17.98 -23.05
C SER A 182 -25.66 -17.37 -21.84
N ASP A 183 -24.90 -16.59 -21.06
CA ASP A 183 -25.45 -15.95 -19.87
C ASP A 183 -24.54 -14.76 -19.57
N VAL A 184 -25.14 -13.61 -19.32
CA VAL A 184 -24.40 -12.38 -19.06
C VAL A 184 -25.08 -11.63 -17.93
N ILE A 185 -24.28 -10.95 -17.10
CA ILE A 185 -24.80 -10.05 -16.08
C ILE A 185 -24.44 -8.63 -16.54
N GLU A 186 -25.46 -7.83 -16.83
CA GLU A 186 -25.27 -6.51 -17.42
C GLU A 186 -25.64 -5.40 -16.45
N TRP A 187 -25.04 -4.22 -16.66
CA TRP A 187 -25.31 -3.01 -15.89
C TRP A 187 -25.06 -3.23 -14.39
N ALA A 188 -23.80 -3.50 -14.05
CA ALA A 188 -23.41 -3.66 -12.67
C ALA A 188 -22.01 -3.11 -12.43
N LYS A 189 -21.84 -2.41 -11.31
CA LYS A 189 -20.54 -1.91 -10.89
C LYS A 189 -20.38 -2.15 -9.41
N PHE A 190 -19.15 -2.48 -9.01
CA PHE A 190 -18.82 -2.78 -7.62
C PHE A 190 -19.80 -3.83 -7.08
N THR A 191 -19.72 -5.01 -7.68
CA THR A 191 -20.66 -6.09 -7.43
C THR A 191 -20.06 -7.09 -6.45
N ALA A 192 -20.94 -7.65 -5.62
CA ALA A 192 -20.59 -8.71 -4.69
C ALA A 192 -21.49 -9.90 -5.02
N ILE A 193 -21.01 -10.78 -5.91
CA ILE A 193 -21.78 -11.96 -6.29
C ILE A 193 -22.01 -12.83 -5.07
N ALA A 194 -23.27 -13.27 -4.88
CA ALA A 194 -23.62 -14.10 -3.73
C ALA A 194 -24.35 -15.34 -4.22
N TRP A 195 -23.66 -16.47 -4.25
CA TRP A 195 -24.20 -17.70 -4.83
C TRP A 195 -24.86 -18.57 -3.78
N TRP A 196 -25.92 -19.26 -4.18
CA TRP A 196 -26.65 -20.15 -3.29
C TRP A 196 -27.04 -21.42 -4.03
N HIS A 197 -26.54 -22.56 -3.54
CA HIS A 197 -26.72 -23.88 -4.16
C HIS A 197 -26.74 -23.89 -5.68
N ASN A 198 -27.76 -24.50 -6.24
CA ASN A 198 -27.84 -24.76 -7.66
C ASN A 198 -28.70 -23.77 -8.42
N LEU A 199 -29.36 -22.85 -7.73
CA LEU A 199 -30.27 -21.93 -8.44
C LEU A 199 -29.50 -20.80 -9.10
N GLY A 200 -28.79 -20.00 -8.29
CA GLY A 200 -28.04 -18.88 -8.83
C GLY A 200 -27.48 -17.96 -7.76
N PHE A 201 -27.28 -16.69 -8.13
CA PHE A 201 -26.63 -15.74 -7.25
C PHE A 201 -27.35 -14.39 -7.26
N PHE A 202 -27.24 -13.69 -6.14
CA PHE A 202 -27.65 -12.30 -6.05
C PHE A 202 -26.54 -11.40 -6.55
N TYR A 203 -26.92 -10.30 -7.22
CA TYR A 203 -25.98 -9.33 -7.75
C TYR A 203 -26.62 -7.95 -7.76
N THR A 204 -25.76 -6.93 -7.86
CA THR A 204 -26.15 -5.54 -7.78
C THR A 204 -26.46 -4.98 -9.17
N ARG A 205 -27.41 -4.04 -9.20
CA ARG A 205 -27.71 -3.24 -10.38
C ARG A 205 -28.69 -2.15 -9.94
N TYR A 206 -29.16 -1.38 -10.92
CA TYR A 206 -30.02 -0.24 -10.66
C TYR A 206 -31.28 -0.32 -11.51
N PRO A 207 -32.37 0.32 -11.10
CA PRO A 207 -33.54 0.39 -11.96
C PRO A 207 -33.25 1.18 -13.21
N ALA A 208 -34.01 0.86 -14.27
CA ALA A 208 -33.91 1.42 -15.62
C ALA A 208 -32.65 0.95 -16.35
N LEU A 209 -31.78 0.17 -15.71
CA LEU A 209 -30.58 -0.40 -16.34
C LEU A 209 -29.74 0.68 -16.98
N GLN A 210 -29.67 1.83 -16.31
CA GLN A 210 -29.00 3.05 -16.79
C GLN A 210 -29.22 3.28 -18.28
N GLY A 211 -30.43 2.99 -18.75
CA GLY A 211 -30.68 3.02 -20.18
C GLY A 211 -30.49 4.41 -20.75
N ASP A 212 -29.98 4.45 -21.98
CA ASP A 212 -29.70 5.70 -22.66
C ASP A 212 -31.01 6.27 -23.23
N VAL A 213 -30.87 7.22 -24.16
CA VAL A 213 -31.97 7.97 -24.76
C VAL A 213 -32.51 8.95 -23.72
N ASP A 214 -33.23 8.44 -22.73
CA ASP A 214 -33.71 9.23 -21.60
C ASP A 214 -32.75 9.02 -20.44
N LYS A 215 -31.55 9.59 -20.56
CA LYS A 215 -30.48 9.36 -19.60
C LYS A 215 -29.69 10.65 -19.39
N GLY A 216 -29.41 10.96 -18.13
CA GLY A 216 -28.57 12.09 -17.78
C GLY A 216 -27.65 11.77 -16.63
N ALA A 217 -27.24 12.81 -15.89
CA ALA A 217 -26.47 12.72 -14.65
C ALA A 217 -25.05 12.23 -14.85
N GLU A 218 -24.64 11.87 -16.06
CA GLU A 218 -23.26 11.47 -16.36
C GLU A 218 -22.79 10.36 -15.44
N THR A 219 -23.68 9.42 -15.13
CA THR A 219 -23.40 8.27 -14.26
C THR A 219 -22.74 8.72 -12.96
N ASP A 220 -23.32 9.76 -12.35
CA ASP A 220 -22.81 10.30 -11.09
C ASP A 220 -23.58 9.65 -9.94
N ALA A 221 -22.86 8.91 -9.11
CA ALA A 221 -23.34 8.36 -7.84
C ALA A 221 -24.32 7.21 -8.01
N ALA A 222 -24.77 6.96 -9.24
CA ALA A 222 -25.52 5.76 -9.60
C ALA A 222 -26.60 5.44 -8.55
N GLN A 223 -27.55 6.36 -8.45
CA GLN A 223 -28.51 6.32 -7.36
C GLN A 223 -29.35 5.05 -7.40
N ASP A 224 -29.93 4.72 -6.25
CA ASP A 224 -30.81 3.56 -6.06
C ASP A 224 -30.07 2.26 -6.38
N ALA A 225 -29.12 1.94 -5.50
CA ALA A 225 -28.51 0.62 -5.54
C ALA A 225 -29.57 -0.44 -5.25
N PHE A 226 -29.44 -1.60 -5.89
CA PHE A 226 -30.55 -2.53 -5.94
C PHE A 226 -30.03 -3.93 -6.25
N ILE A 227 -30.12 -4.83 -5.27
CA ILE A 227 -29.64 -6.21 -5.41
C ILE A 227 -30.82 -7.11 -5.77
N CYS A 228 -30.60 -7.97 -6.77
CA CYS A 228 -31.61 -8.87 -7.29
C CYS A 228 -30.95 -10.21 -7.62
N PHE A 229 -31.75 -11.27 -7.58
CA PHE A 229 -31.30 -12.62 -7.85
C PHE A 229 -31.12 -12.84 -9.36
N HIS A 230 -30.40 -13.91 -9.70
CA HIS A 230 -30.20 -14.29 -11.10
C HIS A 230 -29.91 -15.79 -11.16
N ARG A 231 -30.64 -16.48 -12.02
CA ARG A 231 -30.53 -17.92 -12.22
C ARG A 231 -29.95 -18.20 -13.60
N ILE A 232 -28.89 -19.02 -13.64
CA ILE A 232 -28.24 -19.32 -14.90
C ILE A 232 -29.18 -20.08 -15.82
N GLY A 233 -28.99 -19.90 -17.13
CA GLY A 233 -29.80 -20.57 -18.11
C GLY A 233 -30.97 -19.74 -18.58
N ARG A 234 -31.62 -19.06 -17.64
CA ARG A 234 -32.78 -18.25 -17.96
C ARG A 234 -32.36 -16.89 -18.50
N PRO A 235 -33.24 -16.24 -19.26
CA PRO A 235 -32.95 -14.86 -19.70
C PRO A 235 -32.91 -13.90 -18.52
N GLN A 236 -32.49 -12.67 -18.82
CA GLN A 236 -32.33 -11.66 -17.77
C GLN A 236 -33.64 -11.30 -17.09
N ASP A 237 -34.77 -11.43 -17.79
CA ASP A 237 -36.03 -10.91 -17.24
C ASP A 237 -36.61 -11.79 -16.15
N GLU A 238 -36.21 -13.07 -16.09
CA GLU A 238 -36.78 -14.00 -15.11
C GLU A 238 -35.92 -13.96 -13.86
N ASP A 239 -36.01 -12.83 -13.16
CA ASP A 239 -35.29 -12.62 -11.91
C ASP A 239 -36.21 -11.92 -10.92
N VAL A 240 -35.98 -12.20 -9.63
CA VAL A 240 -36.78 -11.63 -8.56
C VAL A 240 -35.91 -10.69 -7.77
N VAL A 241 -36.36 -9.44 -7.63
CA VAL A 241 -35.63 -8.46 -6.85
C VAL A 241 -35.65 -8.85 -5.38
N ILE A 242 -34.55 -8.60 -4.68
CA ILE A 242 -34.40 -9.02 -3.29
C ILE A 242 -34.32 -7.84 -2.33
N LEU A 243 -33.61 -6.77 -2.70
CA LEU A 243 -33.60 -5.59 -1.84
C LEU A 243 -33.11 -4.36 -2.58
N SER A 244 -33.83 -3.25 -2.44
CA SER A 244 -33.37 -1.97 -2.95
C SER A 244 -33.82 -0.91 -1.95
N VAL A 245 -32.88 -0.13 -1.43
CA VAL A 245 -33.18 0.85 -0.38
C VAL A 245 -34.05 1.96 -0.97
N PRO A 246 -35.33 2.01 -0.65
CA PRO A 246 -36.23 2.98 -1.29
C PRO A 246 -36.05 4.39 -0.75
N GLU A 247 -35.98 4.50 0.57
CA GLU A 247 -36.01 5.81 1.22
C GLU A 247 -34.66 6.51 1.09
N HIS A 248 -33.56 5.76 1.19
CA HIS A 248 -32.20 6.31 1.06
C HIS A 248 -31.52 5.73 -0.16
N PRO A 249 -31.96 6.13 -1.37
CA PRO A 249 -31.33 5.60 -2.58
C PRO A 249 -29.86 5.96 -2.73
N GLN A 250 -29.39 7.00 -2.05
CA GLN A 250 -27.99 7.39 -2.15
C GLN A 250 -27.11 6.55 -1.23
N TRP A 251 -27.25 5.23 -1.30
CA TRP A 251 -26.48 4.28 -0.51
C TRP A 251 -25.82 3.26 -1.45
N ASN A 252 -25.25 2.22 -0.84
CA ASN A 252 -24.61 1.15 -1.59
C ASN A 252 -24.59 -0.09 -0.73
N MET A 253 -25.23 -1.17 -1.18
CA MET A 253 -25.28 -2.37 -0.36
C MET A 253 -24.94 -3.62 -1.16
N GLY A 254 -24.56 -4.66 -0.43
CA GLY A 254 -24.33 -5.97 -1.00
C GLY A 254 -24.90 -7.04 -0.10
N ALA A 255 -24.76 -8.28 -0.52
CA ALA A 255 -25.36 -9.39 0.20
C ALA A 255 -24.47 -10.62 0.07
N SER A 256 -24.69 -11.57 0.98
CA SER A 256 -24.01 -12.86 0.93
C SER A 256 -24.93 -13.89 1.56
N VAL A 257 -24.53 -15.16 1.45
CA VAL A 257 -25.36 -16.27 1.90
C VAL A 257 -24.73 -16.90 3.14
N SER A 258 -25.59 -17.54 3.94
CA SER A 258 -25.15 -18.23 5.14
C SER A 258 -24.41 -19.51 4.76
N ASP A 259 -23.68 -20.06 5.74
CA ASP A 259 -23.01 -21.34 5.51
C ASP A 259 -24.04 -22.44 5.29
N CYS A 260 -25.13 -22.43 6.04
CA CYS A 260 -26.23 -23.35 5.76
C CYS A 260 -26.85 -23.10 4.40
N HIS A 261 -26.61 -21.92 3.82
CA HIS A 261 -27.13 -21.54 2.51
C HIS A 261 -28.65 -21.55 2.47
N SER A 262 -29.28 -21.61 3.64
CA SER A 262 -30.72 -21.44 3.76
C SER A 262 -31.13 -20.04 4.19
N TYR A 263 -30.17 -19.21 4.59
CA TYR A 263 -30.43 -17.83 4.98
C TYR A 263 -29.52 -16.90 4.19
N VAL A 264 -29.94 -15.66 4.06
CA VAL A 264 -29.16 -14.65 3.36
C VAL A 264 -28.98 -13.47 4.30
N ILE A 265 -27.81 -12.84 4.24
CA ILE A 265 -27.59 -11.61 4.99
C ILE A 265 -27.20 -10.51 4.01
N VAL A 266 -27.47 -9.27 4.41
CA VAL A 266 -27.26 -8.11 3.56
C VAL A 266 -26.56 -7.04 4.37
N VAL A 267 -25.47 -6.51 3.83
CA VAL A 267 -24.76 -5.40 4.43
C VAL A 267 -25.02 -4.17 3.58
N LEU A 268 -25.02 -3.01 4.23
CA LEU A 268 -25.31 -1.74 3.58
C LEU A 268 -24.31 -0.70 4.02
N PHE A 269 -24.13 0.33 3.20
CA PHE A 269 -23.12 1.34 3.48
C PHE A 269 -23.59 2.68 2.92
N ASP A 270 -23.53 3.70 3.75
CA ASP A 270 -23.87 5.06 3.34
C ASP A 270 -22.61 5.76 2.87
N GLY A 271 -22.57 6.11 1.59
CA GLY A 271 -21.37 6.71 1.03
C GLY A 271 -20.18 5.79 1.22
N CYS A 272 -19.08 6.36 1.70
CA CYS A 272 -17.89 5.60 2.06
C CYS A 272 -17.65 5.61 3.56
N GLU A 273 -18.67 5.95 4.35
CA GLU A 273 -18.53 5.96 5.80
C GLU A 273 -18.26 4.56 6.31
N PRO A 274 -17.31 4.37 7.22
CA PRO A 274 -17.08 3.03 7.77
C PRO A 274 -18.29 2.47 8.48
N HIS A 275 -19.13 3.33 9.04
CA HIS A 275 -20.26 2.90 9.85
C HIS A 275 -21.18 1.97 9.05
N ASN A 276 -21.71 0.95 9.73
CA ASN A 276 -22.46 -0.09 9.07
C ASN A 276 -23.58 -0.58 9.98
N LEU A 277 -24.65 -1.09 9.37
CA LEU A 277 -25.77 -1.71 10.07
C LEU A 277 -25.97 -3.12 9.53
N VAL A 278 -26.43 -4.02 10.39
CA VAL A 278 -26.50 -5.44 10.07
C VAL A 278 -27.95 -5.87 9.98
N TRP A 279 -28.29 -6.52 8.87
CA TRP A 279 -29.63 -7.00 8.56
C TRP A 279 -29.51 -8.45 8.11
N VAL A 280 -30.19 -9.36 8.79
CA VAL A 280 -30.19 -10.76 8.41
C VAL A 280 -31.52 -11.08 7.74
N ALA A 281 -31.60 -12.26 7.13
CA ALA A 281 -32.79 -12.64 6.38
C ALA A 281 -32.84 -14.15 6.22
N GLU A 282 -34.06 -14.66 6.06
CA GLU A 282 -34.30 -16.08 5.83
C GLU A 282 -34.53 -16.29 4.33
N LEU A 283 -33.56 -16.91 3.68
CA LEU A 283 -33.70 -17.26 2.27
C LEU A 283 -34.70 -18.41 2.12
N PRO A 284 -35.63 -18.31 1.16
CA PRO A 284 -36.60 -19.39 0.99
C PRO A 284 -35.92 -20.70 0.62
N SER A 285 -36.53 -21.80 1.07
CA SER A 285 -35.91 -23.10 0.93
C SER A 285 -35.90 -23.55 -0.54
N VAL A 286 -35.16 -24.64 -0.80
CA VAL A 286 -35.01 -25.12 -2.17
C VAL A 286 -36.33 -25.66 -2.72
N GLU A 287 -37.14 -26.30 -1.87
CA GLU A 287 -38.36 -26.95 -2.34
C GLU A 287 -39.35 -25.96 -2.95
N LYS A 288 -39.21 -24.66 -2.66
CA LYS A 288 -40.12 -23.65 -3.18
C LYS A 288 -39.44 -22.72 -4.19
N GLY A 289 -38.34 -23.17 -4.80
CA GLY A 289 -37.64 -22.32 -5.75
C GLY A 289 -37.17 -21.05 -5.09
N LEU A 290 -37.49 -19.92 -5.72
CA LEU A 290 -37.26 -18.61 -5.14
C LEU A 290 -38.60 -17.95 -4.86
N GLY A 291 -38.77 -17.42 -3.65
CA GLY A 291 -40.07 -16.91 -3.26
C GLY A 291 -40.46 -15.67 -4.06
N SER A 292 -41.77 -15.43 -4.13
CA SER A 292 -42.27 -14.26 -4.86
C SER A 292 -41.81 -12.96 -4.20
N GLU A 293 -41.90 -12.88 -2.88
CA GLU A 293 -41.55 -11.68 -2.14
C GLU A 293 -40.31 -11.94 -1.30
N PRO A 294 -39.42 -10.95 -1.13
CA PRO A 294 -38.35 -11.10 -0.15
C PRO A 294 -38.93 -11.33 1.23
N LEU A 295 -38.49 -12.38 1.91
CA LEU A 295 -39.02 -12.68 3.24
C LEU A 295 -38.64 -11.57 4.21
N VAL A 296 -39.09 -11.72 5.46
CA VAL A 296 -38.77 -10.71 6.46
C VAL A 296 -37.26 -10.67 6.65
N PHE A 297 -36.69 -9.47 6.55
CA PHE A 297 -35.25 -9.28 6.77
C PHE A 297 -35.07 -8.84 8.20
N LYS A 298 -34.82 -9.81 9.09
CA LYS A 298 -34.77 -9.53 10.51
C LYS A 298 -33.74 -8.45 10.81
N LYS A 299 -34.13 -7.50 11.65
CA LYS A 299 -33.32 -6.34 11.95
C LYS A 299 -32.54 -6.61 13.23
N LEU A 300 -31.21 -6.60 13.14
CA LEU A 300 -30.38 -6.80 14.32
C LEU A 300 -29.66 -5.52 14.70
N VAL A 301 -28.99 -4.88 13.74
CA VAL A 301 -28.39 -3.58 13.98
C VAL A 301 -28.91 -2.63 12.92
N ASN A 302 -29.57 -1.56 13.35
CA ASN A 302 -30.03 -0.51 12.45
C ASN A 302 -29.49 0.80 12.99
N GLU A 303 -28.21 1.03 12.71
CA GLU A 303 -27.48 2.19 13.22
C GLU A 303 -26.26 2.39 12.35
N PHE A 304 -25.46 3.39 12.71
CA PHE A 304 -24.28 3.76 11.94
C PHE A 304 -23.12 4.06 12.88
N ALA A 305 -22.78 3.09 13.73
CA ALA A 305 -21.67 3.26 14.65
C ALA A 305 -20.34 2.99 13.97
N GLY A 306 -20.13 1.76 13.51
CA GLY A 306 -18.84 1.38 12.98
C GLY A 306 -18.95 0.25 11.96
N ARG A 307 -17.81 -0.07 11.36
CA ARG A 307 -17.74 -1.04 10.27
C ARG A 307 -17.94 -2.44 10.82
N TYR A 308 -18.84 -3.20 10.21
CA TYR A 308 -19.02 -4.60 10.52
C TYR A 308 -18.63 -5.45 9.31
N THR A 309 -18.25 -6.69 9.57
CA THR A 309 -17.91 -7.61 8.49
C THR A 309 -18.21 -9.04 8.92
N TYR A 310 -19.12 -9.68 8.19
CA TYR A 310 -19.49 -11.07 8.46
C TYR A 310 -18.31 -11.99 8.21
N LEU A 311 -18.17 -13.01 9.07
CA LEU A 311 -17.12 -13.99 8.90
C LEU A 311 -17.67 -15.41 8.84
N GLY A 312 -18.74 -15.68 9.58
CA GLY A 312 -19.29 -17.01 9.64
C GLY A 312 -20.52 -17.07 10.50
N ASN A 313 -21.03 -18.29 10.66
CA ASN A 313 -22.16 -18.54 11.53
C ASN A 313 -22.11 -19.98 12.02
N GLU A 314 -22.93 -20.27 13.02
CA GLU A 314 -23.13 -21.65 13.46
C GLU A 314 -24.49 -21.72 14.12
N GLY A 315 -25.48 -22.24 13.38
CA GLY A 315 -26.82 -22.36 13.90
C GLY A 315 -27.42 -21.03 14.33
N SER A 316 -27.55 -20.85 15.64
CA SER A 316 -28.12 -19.64 16.22
C SER A 316 -27.10 -18.54 16.46
N THR A 317 -25.89 -18.70 15.96
CA THR A 317 -24.82 -17.74 16.19
C THR A 317 -24.29 -17.20 14.86
N PHE A 318 -23.81 -15.96 14.90
CA PHE A 318 -23.09 -15.36 13.79
C PHE A 318 -21.87 -14.65 14.36
N TYR A 319 -20.83 -14.50 13.54
CA TYR A 319 -19.59 -13.90 14.03
C TYR A 319 -19.12 -12.82 13.07
N PHE A 320 -18.68 -11.69 13.62
CA PHE A 320 -18.27 -10.55 12.81
C PHE A 320 -17.03 -9.87 13.36
N VAL A 321 -16.24 -9.35 12.44
CA VAL A 321 -15.26 -8.32 12.76
C VAL A 321 -16.01 -7.01 12.96
N THR A 322 -15.78 -6.35 14.09
CA THR A 322 -16.54 -5.18 14.48
C THR A 322 -15.59 -4.07 14.91
N THR A 323 -15.77 -2.88 14.34
CA THR A 323 -15.03 -1.70 14.76
C THR A 323 -15.83 -0.82 15.72
N ARG A 324 -17.05 -1.21 16.06
CA ARG A 324 -17.86 -0.45 17.01
C ARG A 324 -17.16 -0.39 18.36
N ASP A 325 -17.11 0.82 18.93
CA ASP A 325 -16.44 1.11 20.20
C ASP A 325 -15.02 0.54 20.27
N ALA A 326 -14.41 0.31 19.12
CA ALA A 326 -13.06 -0.24 19.05
C ALA A 326 -12.46 0.01 17.67
N PRO A 327 -11.70 1.09 17.49
CA PRO A 327 -11.08 1.36 16.19
C PRO A 327 -10.08 0.30 15.76
N ARG A 328 -9.72 -0.63 16.65
CA ARG A 328 -8.77 -1.68 16.32
C ARG A 328 -9.45 -3.00 15.95
N LYS A 329 -10.73 -2.96 15.60
CA LYS A 329 -11.43 -4.07 14.95
C LYS A 329 -11.44 -5.32 15.83
N LYS A 330 -12.14 -5.22 16.95
CA LYS A 330 -12.38 -6.40 17.77
C LYS A 330 -13.29 -7.39 17.04
N ILE A 331 -13.41 -8.59 17.60
CA ILE A 331 -14.17 -9.67 16.98
C ILE A 331 -15.24 -10.13 17.96
N VAL A 332 -16.50 -10.17 17.50
CA VAL A 332 -17.62 -10.41 18.39
C VAL A 332 -18.66 -11.28 17.72
N SER A 333 -19.33 -12.10 18.53
CA SER A 333 -20.45 -12.92 18.10
C SER A 333 -21.75 -12.13 18.24
N ILE A 334 -22.80 -12.64 17.61
CA ILE A 334 -24.13 -12.02 17.60
C ILE A 334 -25.16 -13.14 17.55
N ASP A 335 -26.23 -12.98 18.32
CA ASP A 335 -27.33 -13.93 18.34
C ASP A 335 -28.62 -13.23 17.93
N ILE A 336 -29.48 -13.97 17.24
CA ILE A 336 -30.65 -13.40 16.58
C ILE A 336 -31.91 -13.55 17.42
N HIS A 337 -32.21 -14.78 17.86
CA HIS A 337 -33.53 -15.06 18.41
C HIS A 337 -33.83 -14.32 19.70
N THR A 338 -32.82 -13.88 20.43
CA THR A 338 -33.10 -13.03 21.59
C THR A 338 -32.36 -11.70 21.54
N GLY A 339 -31.09 -11.71 21.13
CA GLY A 339 -30.31 -10.49 21.04
C GLY A 339 -29.27 -10.29 22.11
N GLN A 340 -29.30 -11.11 23.18
CA GLN A 340 -28.25 -11.02 24.19
C GLN A 340 -26.90 -11.37 23.59
N GLU A 341 -25.86 -10.68 24.05
CA GLU A 341 -24.61 -10.65 23.31
C GLU A 341 -23.42 -11.07 24.16
N THR A 342 -22.37 -11.51 23.49
CA THR A 342 -21.13 -11.93 24.14
C THR A 342 -19.96 -11.60 23.21
N VAL A 343 -18.78 -11.43 23.79
CA VAL A 343 -17.60 -10.99 23.07
C VAL A 343 -16.66 -12.18 22.91
N ILE A 344 -16.11 -12.34 21.70
CA ILE A 344 -15.17 -13.42 21.45
C ILE A 344 -13.75 -12.93 21.69
N VAL A 345 -13.30 -11.95 20.93
CA VAL A 345 -11.97 -11.38 21.07
C VAL A 345 -12.12 -9.88 21.25
N GLU A 346 -11.74 -9.40 22.43
CA GLU A 346 -11.56 -7.97 22.59
C GLU A 346 -10.25 -7.55 21.93
N GLN A 347 -10.27 -6.36 21.33
CA GLN A 347 -9.19 -5.95 20.45
C GLN A 347 -7.87 -5.95 21.19
N GLN A 348 -6.83 -6.41 20.51
CA GLN A 348 -5.49 -6.42 21.07
C GLN A 348 -4.80 -5.09 20.81
N ARG A 349 -3.52 -5.03 21.18
CA ARG A 349 -2.76 -3.80 21.09
C ARG A 349 -2.59 -3.29 19.66
N SER A 350 -3.01 -4.06 18.66
CA SER A 350 -2.78 -3.70 17.27
C SER A 350 -4.10 -3.70 16.50
N VAL A 351 -3.98 -3.63 15.18
CA VAL A 351 -5.12 -3.59 14.30
C VAL A 351 -5.21 -4.89 13.52
N LEU A 352 -6.31 -5.07 12.79
CA LEU A 352 -6.57 -6.29 12.03
C LEU A 352 -6.20 -6.11 10.57
N SER A 353 -5.81 -7.20 9.93
CA SER A 353 -5.60 -7.25 8.49
C SER A 353 -6.53 -8.25 7.81
N GLN A 354 -6.61 -9.47 8.34
CA GLN A 354 -7.49 -10.50 7.82
C GLN A 354 -7.93 -11.40 8.96
N ALA A 355 -9.02 -12.13 8.74
CA ALA A 355 -9.53 -13.06 9.73
C ALA A 355 -10.37 -14.12 9.03
N ALA A 356 -10.53 -15.25 9.70
CA ALA A 356 -11.31 -16.35 9.13
C ALA A 356 -11.83 -17.23 10.25
N LEU A 357 -12.84 -18.03 9.92
CA LEU A 357 -13.47 -18.94 10.87
C LEU A 357 -13.68 -20.26 10.17
N VAL A 358 -12.93 -21.28 10.59
CA VAL A 358 -12.98 -22.59 9.93
C VAL A 358 -13.13 -23.68 10.97
N LYS A 359 -14.05 -24.61 10.71
CA LYS A 359 -14.35 -25.73 11.59
C LYS A 359 -14.53 -25.29 13.04
N LYS A 360 -13.55 -25.57 13.89
CA LYS A 360 -13.60 -25.25 15.29
C LYS A 360 -12.45 -24.33 15.69
N THR A 361 -12.11 -23.38 14.84
CA THR A 361 -11.06 -22.43 15.16
C THR A 361 -11.30 -21.12 14.44
N LEU A 362 -11.07 -20.03 15.18
CA LEU A 362 -10.98 -18.69 14.62
C LEU A 362 -9.51 -18.38 14.36
N LEU A 363 -9.18 -18.06 13.12
CA LEU A 363 -7.81 -17.87 12.71
C LEU A 363 -7.60 -16.41 12.34
N LEU A 364 -6.67 -15.75 13.03
CA LEU A 364 -6.57 -14.30 12.98
C LEU A 364 -5.15 -13.88 12.65
N ALA A 365 -5.03 -12.69 12.07
CA ALA A 365 -3.75 -12.07 11.75
C ALA A 365 -3.74 -10.66 12.28
N TYR A 366 -2.67 -10.29 13.00
CA TYR A 366 -2.56 -9.00 13.64
C TYR A 366 -1.41 -8.21 13.04
N LEU A 367 -1.64 -6.93 12.77
CA LEU A 367 -0.62 -6.06 12.17
C LEU A 367 0.26 -5.43 13.25
N GLU A 368 0.86 -6.29 14.06
CA GLU A 368 1.66 -5.84 15.19
C GLU A 368 2.97 -5.26 14.68
N ASP A 369 3.30 -4.05 15.14
CA ASP A 369 4.49 -3.31 14.73
C ASP A 369 4.79 -3.46 13.24
N VAL A 370 3.77 -3.22 12.41
CA VAL A 370 3.87 -3.27 10.96
C VAL A 370 4.40 -4.63 10.53
N LYS A 371 3.78 -5.69 11.04
CA LYS A 371 4.05 -7.05 10.58
C LYS A 371 2.91 -7.94 11.04
N ASP A 372 2.49 -8.85 10.18
CA ASP A 372 1.33 -9.67 10.46
C ASP A 372 1.76 -10.93 11.21
N VAL A 373 1.19 -11.14 12.38
CA VAL A 373 1.44 -12.32 13.19
C VAL A 373 0.16 -13.15 13.22
N PHE A 374 0.30 -14.46 13.03
CA PHE A 374 -0.82 -15.37 12.94
C PHE A 374 -1.14 -15.94 14.32
N TYR A 375 -2.42 -16.24 14.54
CA TYR A 375 -2.85 -16.95 15.73
C TYR A 375 -4.04 -17.83 15.36
N TYR A 376 -4.19 -18.93 16.10
CA TYR A 376 -5.35 -19.79 16.01
C TYR A 376 -6.00 -19.91 17.38
N CYS A 377 -7.33 -19.83 17.42
CA CYS A 377 -8.07 -19.78 18.67
C CYS A 377 -9.16 -20.82 18.66
N ARG A 378 -9.19 -21.66 19.70
CA ARG A 378 -10.18 -22.72 19.80
C ARG A 378 -11.51 -22.13 20.26
N LEU A 379 -12.44 -22.98 20.66
CA LEU A 379 -13.74 -22.52 21.13
C LEU A 379 -13.90 -22.64 22.64
N GLU A 380 -12.84 -22.99 23.36
CA GLU A 380 -12.89 -22.99 24.82
C GLU A 380 -11.73 -22.17 25.38
N ASP A 381 -10.58 -22.23 24.71
CA ASP A 381 -9.38 -21.51 25.13
C ASP A 381 -9.03 -20.47 24.07
N PRO A 382 -9.37 -19.20 24.29
CA PRO A 382 -9.16 -18.20 23.25
C PRO A 382 -7.74 -17.68 23.20
N THR A 383 -6.82 -18.37 23.87
CA THR A 383 -5.43 -17.93 23.89
C THR A 383 -4.86 -17.85 22.48
N LEU A 384 -4.06 -16.82 22.24
CA LEU A 384 -3.57 -16.53 20.90
C LEU A 384 -2.29 -17.32 20.64
N ASN A 385 -2.44 -18.60 20.28
CA ASN A 385 -1.30 -19.47 20.00
C ASN A 385 -0.77 -19.14 18.62
N ALA A 386 0.53 -18.86 18.53
CA ALA A 386 1.14 -18.29 17.35
C ALA A 386 1.91 -19.32 16.54
N ILE A 387 2.33 -18.91 15.35
CA ILE A 387 3.14 -19.73 14.45
C ILE A 387 4.39 -18.93 14.12
N PRO A 388 5.52 -19.58 13.82
CA PRO A 388 6.77 -18.86 13.55
C PRO A 388 6.91 -18.44 12.08
N LEU A 389 5.86 -17.81 11.55
CA LEU A 389 5.95 -17.31 10.19
C LEU A 389 6.95 -16.16 10.12
N PRO A 390 7.63 -15.99 8.99
CA PRO A 390 8.70 -15.00 8.90
C PRO A 390 8.16 -13.59 9.02
N ILE A 391 9.09 -12.64 9.14
CA ILE A 391 8.72 -11.24 9.26
C ILE A 391 8.20 -10.73 7.92
N GLY A 392 7.01 -10.15 7.95
CA GLY A 392 6.37 -9.69 6.73
C GLY A 392 4.93 -9.33 7.01
N THR A 393 4.11 -9.35 5.96
CA THR A 393 2.70 -9.04 6.12
C THR A 393 1.88 -9.86 5.15
N ILE A 394 0.60 -10.05 5.51
CA ILE A 394 -0.35 -10.72 4.64
C ILE A 394 -0.55 -9.89 3.39
N THR A 395 -0.65 -10.55 2.23
CA THR A 395 -1.10 -9.88 1.02
C THR A 395 -2.31 -10.57 0.38
N SER A 396 -2.66 -11.76 0.83
CA SER A 396 -3.82 -12.47 0.30
C SER A 396 -4.26 -13.51 1.31
N PHE A 397 -5.50 -13.97 1.17
CA PHE A 397 -6.03 -14.96 2.08
C PHE A 397 -7.15 -15.74 1.40
N PHE A 398 -7.13 -17.04 1.58
CA PHE A 398 -8.23 -17.91 1.16
C PHE A 398 -8.55 -18.87 2.29
N SER A 399 -9.85 -19.01 2.59
CA SER A 399 -10.28 -19.95 3.61
C SER A 399 -11.73 -20.31 3.37
N ASP A 400 -12.06 -21.58 3.57
CA ASP A 400 -13.43 -22.08 3.47
C ASP A 400 -13.76 -22.83 4.74
N ARG A 401 -14.97 -22.63 5.25
CA ARG A 401 -15.35 -23.27 6.51
C ARG A 401 -15.36 -24.78 6.39
N LYS A 402 -15.89 -25.31 5.28
CA LYS A 402 -16.02 -26.75 5.13
C LYS A 402 -14.75 -27.43 4.67
N LYS A 403 -13.75 -26.67 4.22
CA LYS A 403 -12.48 -27.24 3.78
C LYS A 403 -11.45 -27.04 4.88
N ASP A 404 -10.84 -28.14 5.33
CA ASP A 404 -9.84 -28.06 6.38
C ASP A 404 -8.52 -27.45 5.91
N PHE A 405 -8.28 -27.45 4.60
CA PHE A 405 -7.09 -26.82 4.04
C PHE A 405 -7.20 -25.32 4.18
N VAL A 406 -6.08 -24.65 4.50
CA VAL A 406 -6.04 -23.20 4.54
C VAL A 406 -4.67 -22.74 4.04
N SER A 407 -4.62 -21.49 3.58
CA SER A 407 -3.39 -20.97 2.99
C SER A 407 -3.40 -19.46 3.06
N PHE A 408 -2.22 -18.87 2.88
CA PHE A 408 -2.03 -17.43 2.94
C PHE A 408 -0.75 -17.05 2.21
N LYS A 409 -0.52 -15.74 2.10
CA LYS A 409 0.63 -15.23 1.38
C LYS A 409 1.31 -14.11 2.17
N ILE A 410 2.62 -14.24 2.34
CA ILE A 410 3.45 -13.27 3.05
C ILE A 410 4.33 -12.55 2.05
N THR A 411 4.45 -11.23 2.24
CA THR A 411 5.39 -10.44 1.49
C THR A 411 6.21 -9.60 2.47
N SER A 412 7.45 -9.30 2.06
CA SER A 412 8.38 -8.52 2.86
C SER A 412 9.39 -7.87 1.92
N PHE A 413 10.41 -7.24 2.49
CA PHE A 413 11.42 -6.57 1.68
C PHE A 413 12.14 -7.55 0.78
N LEU A 414 12.97 -8.41 1.37
CA LEU A 414 13.62 -9.50 0.64
C LEU A 414 12.84 -10.79 0.84
N LEU A 415 11.56 -10.70 0.51
CA LEU A 415 10.64 -11.82 0.41
C LEU A 415 9.57 -11.38 -0.58
N PRO A 416 9.88 -11.43 -1.87
CA PRO A 416 8.98 -10.80 -2.86
C PRO A 416 7.57 -11.34 -2.83
N GLY A 417 7.41 -12.60 -2.42
CA GLY A 417 6.10 -13.17 -2.23
C GLY A 417 6.23 -14.65 -1.96
N ARG A 418 5.52 -15.15 -0.96
CA ARG A 418 5.61 -16.56 -0.61
C ARG A 418 4.24 -17.02 -0.14
N SER A 419 3.71 -18.04 -0.80
CA SER A 419 2.43 -18.62 -0.45
C SER A 419 2.67 -19.85 0.40
N PHE A 420 2.16 -19.83 1.63
CA PHE A 420 2.22 -20.97 2.54
C PHE A 420 0.84 -21.56 2.74
N PHE A 421 0.83 -22.81 3.22
CA PHE A 421 -0.38 -23.59 3.38
C PHE A 421 -0.25 -24.50 4.58
N LEU A 422 -1.39 -24.88 5.16
CA LEU A 422 -1.40 -25.79 6.31
C LEU A 422 -2.85 -26.23 6.57
N ASP A 423 -3.00 -27.01 7.64
CA ASP A 423 -4.28 -27.53 8.09
C ASP A 423 -4.70 -26.78 9.35
N ILE A 424 -5.75 -27.29 10.01
CA ILE A 424 -6.30 -26.61 11.17
C ILE A 424 -6.30 -27.53 12.39
N ASN A 425 -5.56 -28.63 12.33
CA ASN A 425 -5.49 -29.58 13.43
C ASN A 425 -4.37 -29.26 14.41
N ASP A 426 -3.13 -29.25 13.95
CA ASP A 426 -1.99 -28.80 14.74
C ASP A 426 -1.12 -27.94 13.84
N PRO A 427 -1.25 -26.61 13.92
CA PRO A 427 -0.62 -25.73 12.93
C PRO A 427 0.90 -25.65 13.03
N GLN A 428 1.53 -26.36 13.95
CA GLN A 428 2.98 -26.26 14.12
C GLN A 428 3.72 -26.75 12.89
N SER A 429 3.62 -28.05 12.60
CA SER A 429 4.46 -28.67 11.58
C SER A 429 3.82 -28.69 10.20
N SER A 430 2.51 -28.46 10.09
CA SER A 430 1.87 -28.50 8.79
C SER A 430 2.21 -27.29 7.95
N LEU A 431 2.73 -26.21 8.56
CA LEU A 431 3.11 -25.04 7.80
C LEU A 431 4.21 -25.40 6.82
N ARG A 432 4.05 -24.96 5.57
CA ARG A 432 5.01 -25.28 4.53
C ARG A 432 4.88 -24.26 3.41
N VAL A 433 5.90 -24.19 2.56
CA VAL A 433 5.94 -23.24 1.45
C VAL A 433 5.23 -23.89 0.27
N PHE A 434 3.99 -23.47 0.01
CA PHE A 434 3.30 -23.91 -1.21
C PHE A 434 4.01 -23.40 -2.44
N LYS A 435 4.35 -22.12 -2.47
CA LYS A 435 4.95 -21.54 -3.66
C LYS A 435 5.88 -20.40 -3.29
N ASP A 436 6.99 -20.31 -4.01
CA ASP A 436 7.99 -19.27 -3.81
C ASP A 436 8.30 -18.64 -5.16
N ASP A 437 8.03 -17.34 -5.27
CA ASP A 437 8.35 -16.65 -6.51
C ASP A 437 9.86 -16.57 -6.70
N THR A 438 10.28 -16.48 -7.96
CA THR A 438 11.70 -16.48 -8.30
C THR A 438 12.03 -15.25 -9.14
N VAL A 439 13.03 -14.51 -8.70
CA VAL A 439 13.67 -13.46 -9.49
C VAL A 439 15.15 -13.78 -9.56
N GLU A 440 15.73 -13.67 -10.75
CA GLU A 440 17.09 -14.15 -10.96
C GLU A 440 18.06 -13.50 -9.99
N GLY A 441 18.88 -14.32 -9.33
CA GLY A 441 19.90 -13.83 -8.43
C GLY A 441 19.45 -13.63 -6.99
N LEU A 442 18.78 -14.63 -6.43
CA LEU A 442 18.32 -14.55 -5.05
C LEU A 442 18.36 -15.93 -4.41
N LEU A 443 18.74 -15.97 -3.13
CA LEU A 443 18.72 -17.19 -2.34
C LEU A 443 17.86 -17.08 -1.10
N VAL A 444 17.35 -15.89 -0.79
CA VAL A 444 16.38 -15.64 0.29
C VAL A 444 17.04 -15.79 1.67
N ASP A 445 17.35 -17.02 2.07
CA ASP A 445 17.79 -17.26 3.44
C ASP A 445 19.08 -16.52 3.76
N ASP A 446 19.90 -16.23 2.75
CA ASP A 446 21.15 -15.52 3.00
C ASP A 446 20.92 -14.10 3.50
N PHE A 447 19.75 -13.52 3.22
CA PHE A 447 19.40 -12.19 3.71
C PHE A 447 18.35 -12.35 4.80
N VAL A 448 18.77 -12.18 6.05
CA VAL A 448 17.87 -12.31 7.18
C VAL A 448 17.36 -10.93 7.59
N THR A 449 16.07 -10.84 7.85
CA THR A 449 15.45 -9.63 8.34
C THR A 449 15.11 -9.78 9.82
N GLU A 450 15.08 -8.65 10.52
CA GLU A 450 14.83 -8.64 11.95
C GLU A 450 14.23 -7.30 12.33
N GLN A 451 13.62 -7.26 13.51
CA GLN A 451 13.10 -6.03 14.08
C GLN A 451 13.79 -5.78 15.42
N THR A 452 13.99 -4.52 15.74
CA THR A 452 14.64 -4.13 16.98
C THR A 452 14.04 -2.84 17.48
N PHE A 453 13.81 -2.77 18.78
CA PHE A 453 13.29 -1.57 19.42
C PHE A 453 14.42 -0.85 20.13
N TYR A 454 14.43 0.47 20.04
CA TYR A 454 15.37 1.27 20.79
C TYR A 454 14.67 2.46 21.41
N ASN A 455 15.23 2.97 22.51
CA ASN A 455 14.65 4.09 23.20
C ASN A 455 14.68 5.33 22.32
N SER A 456 13.71 6.21 22.52
CA SER A 456 13.64 7.45 21.75
C SER A 456 14.52 8.50 22.42
N SER A 457 14.37 9.76 22.00
CA SER A 457 15.11 10.84 22.62
C SER A 457 14.69 11.07 24.07
N ASP A 458 13.41 10.81 24.40
CA ASP A 458 12.94 10.94 25.77
C ASP A 458 12.55 9.63 26.42
N GLY A 459 12.49 8.52 25.67
CA GLY A 459 12.32 7.22 26.29
C GLY A 459 11.06 6.44 25.96
N VAL A 460 10.55 6.58 24.74
CA VAL A 460 9.45 5.75 24.26
C VAL A 460 9.99 4.83 23.18
N ARG A 461 9.62 3.56 23.24
CA ARG A 461 10.18 2.56 22.33
C ARG A 461 9.88 2.91 20.88
N ILE A 462 10.88 2.81 20.03
CA ILE A 462 10.75 3.07 18.61
C ILE A 462 11.23 1.84 17.85
N PRO A 463 10.46 1.33 16.90
CA PRO A 463 10.86 0.11 16.18
C PRO A 463 11.78 0.40 15.02
N MET A 464 12.38 -0.67 14.50
CA MET A 464 13.35 -0.56 13.41
C MET A 464 13.43 -1.91 12.71
N PHE A 465 13.12 -1.93 11.41
CA PHE A 465 13.20 -3.14 10.59
C PHE A 465 14.53 -3.13 9.85
N ILE A 466 15.44 -4.03 10.23
CA ILE A 466 16.77 -4.09 9.65
C ILE A 466 16.92 -5.41 8.89
N VAL A 467 17.29 -5.32 7.63
CA VAL A 467 17.55 -6.48 6.80
C VAL A 467 19.04 -6.49 6.45
N TYR A 468 19.65 -7.65 6.59
CA TYR A 468 21.11 -7.76 6.57
C TYR A 468 21.48 -9.23 6.42
N ARG A 469 22.73 -9.47 6.06
CA ARG A 469 23.17 -10.82 5.70
C ARG A 469 23.28 -11.68 6.96
N LYS A 470 23.85 -12.87 6.80
CA LYS A 470 24.07 -13.77 7.94
C LYS A 470 25.39 -13.40 8.60
N GLY A 471 25.41 -12.22 9.23
CA GLY A 471 26.59 -11.73 9.90
C GLY A 471 27.79 -11.52 9.01
N SER A 472 27.58 -11.00 7.80
CA SER A 472 28.65 -10.79 6.83
C SER A 472 28.96 -9.30 6.64
N VAL A 473 28.50 -8.46 7.55
CA VAL A 473 28.71 -7.01 7.47
C VAL A 473 29.31 -6.55 8.79
N SER A 474 29.94 -5.38 8.77
CA SER A 474 30.70 -4.89 9.91
C SER A 474 30.63 -3.37 9.92
N SER A 475 31.55 -2.74 10.66
CA SER A 475 31.56 -1.28 10.73
C SER A 475 31.79 -0.65 9.37
N GLU A 476 32.37 -1.38 8.43
CA GLU A 476 32.71 -0.84 7.12
C GLU A 476 31.58 -0.94 6.11
N SER A 477 30.56 -1.74 6.39
CA SER A 477 29.51 -1.97 5.39
C SER A 477 28.68 -0.71 5.23
N PRO A 478 28.26 -0.37 4.01
CA PRO A 478 27.31 0.74 3.84
C PRO A 478 26.00 0.46 4.56
N LEU A 479 25.43 1.51 5.16
CA LEU A 479 24.19 1.42 5.91
C LEU A 479 23.22 2.48 5.40
N LEU A 480 22.04 2.05 4.98
CA LEU A 480 21.02 2.94 4.41
C LEU A 480 19.80 3.00 5.31
N LEU A 481 19.19 4.18 5.40
CA LEU A 481 17.96 4.39 6.12
C LEU A 481 16.89 4.89 5.15
N TYR A 482 15.68 4.38 5.30
CA TYR A 482 14.52 4.81 4.52
C TYR A 482 13.39 5.19 5.46
N GLY A 483 12.80 6.35 5.22
CA GLY A 483 11.67 6.78 6.04
C GLY A 483 10.78 7.79 5.35
N TYR A 484 9.47 7.66 5.53
CA TYR A 484 8.53 8.66 5.04
C TYR A 484 7.78 9.31 6.20
N GLY A 485 7.21 8.51 7.11
CA GLY A 485 6.73 8.99 8.39
C GLY A 485 5.77 10.17 8.40
N GLY A 486 4.54 9.96 7.96
CA GLY A 486 3.56 11.00 8.03
C GLY A 486 2.28 10.61 7.33
N PHE A 487 1.30 11.49 7.44
CA PHE A 487 0.02 11.37 6.75
C PHE A 487 -0.67 10.04 7.04
N ASN A 488 -0.45 9.49 8.23
CA ASN A 488 -1.16 8.31 8.71
C ASN A 488 -0.99 7.10 7.80
N ILE A 489 0.02 7.10 6.94
CA ILE A 489 0.23 6.02 5.98
C ILE A 489 1.59 5.38 6.29
N PRO A 490 1.62 4.21 6.90
CA PRO A 490 2.90 3.57 7.24
C PRO A 490 3.54 2.94 6.01
N LEU A 491 4.85 2.68 6.15
CA LEU A 491 5.61 2.02 5.10
C LEU A 491 5.67 0.54 5.46
N THR A 492 4.63 -0.19 5.06
CA THR A 492 4.52 -1.61 5.38
C THR A 492 5.61 -2.40 4.64
N PRO A 493 6.04 -3.53 5.20
CA PRO A 493 7.09 -4.31 4.53
C PRO A 493 6.60 -4.92 3.23
N ALA A 494 7.13 -4.41 2.11
CA ALA A 494 6.80 -4.92 0.79
C ALA A 494 8.06 -4.92 -0.05
N PHE A 495 8.11 -5.80 -1.04
CA PHE A 495 9.28 -5.91 -1.89
C PHE A 495 9.41 -4.70 -2.81
N SER A 496 10.64 -4.29 -3.07
CA SER A 496 10.95 -3.32 -4.10
C SER A 496 12.26 -3.75 -4.74
N SER A 497 12.30 -3.71 -6.08
CA SER A 497 13.48 -4.18 -6.79
C SER A 497 14.72 -3.38 -6.41
N SER A 498 14.54 -2.09 -6.08
CA SER A 498 15.68 -1.27 -5.68
C SER A 498 16.33 -1.82 -4.41
N ARG A 499 15.54 -2.17 -3.41
CA ARG A 499 16.09 -2.77 -2.20
C ARG A 499 16.72 -4.12 -2.51
N MET A 500 16.17 -4.85 -3.49
CA MET A 500 16.78 -6.10 -3.93
C MET A 500 18.20 -5.87 -4.42
N VAL A 501 18.40 -4.89 -5.30
CA VAL A 501 19.74 -4.60 -5.80
C VAL A 501 20.64 -4.11 -4.66
N PHE A 502 20.08 -3.33 -3.73
CA PHE A 502 20.88 -2.88 -2.60
C PHE A 502 21.39 -4.06 -1.78
N LEU A 503 20.54 -5.07 -1.58
CA LEU A 503 20.94 -6.19 -0.75
C LEU A 503 21.88 -7.15 -1.47
N ARG A 504 21.64 -7.42 -2.74
CA ARG A 504 22.37 -8.49 -3.42
C ARG A 504 23.54 -8.02 -4.27
N ASP A 505 23.61 -6.73 -4.61
CA ASP A 505 24.60 -6.26 -5.57
C ASP A 505 25.74 -5.48 -4.95
N LEU A 506 25.58 -4.96 -3.73
CA LEU A 506 26.61 -4.10 -3.16
C LEU A 506 26.94 -4.42 -1.71
N GLY A 507 26.36 -5.48 -1.14
CA GLY A 507 26.72 -5.89 0.20
C GLY A 507 26.26 -4.95 1.30
N GLY A 508 25.24 -4.13 1.03
CA GLY A 508 24.72 -3.23 2.04
C GLY A 508 23.59 -3.84 2.84
N VAL A 509 23.20 -3.12 3.89
CA VAL A 509 22.08 -3.50 4.74
C VAL A 509 21.06 -2.38 4.72
N LEU A 510 19.79 -2.73 4.93
CA LEU A 510 18.70 -1.78 4.81
C LEU A 510 17.98 -1.64 6.14
N ALA A 511 17.95 -0.42 6.67
CA ALA A 511 17.35 -0.12 7.96
C ALA A 511 16.19 0.85 7.75
N VAL A 512 14.97 0.36 7.90
CA VAL A 512 13.77 1.16 7.75
C VAL A 512 13.20 1.43 9.13
N LEU A 513 13.09 2.69 9.50
CA LEU A 513 12.59 3.09 10.79
C LEU A 513 11.27 3.82 10.60
N ASN A 514 10.28 3.46 11.41
CA ASN A 514 8.95 4.05 11.35
C ASN A 514 8.89 5.17 12.38
N ILE A 515 9.36 6.34 11.99
CA ILE A 515 9.38 7.50 12.87
C ILE A 515 7.95 7.95 13.13
N ARG A 516 7.76 8.73 14.21
CA ARG A 516 6.42 9.16 14.58
C ARG A 516 5.81 10.04 13.51
N GLY A 517 4.53 9.81 13.22
CA GLY A 517 3.82 10.61 12.25
C GLY A 517 2.96 9.81 11.28
N GLY A 518 3.40 8.59 10.97
CA GLY A 518 2.72 7.75 10.01
C GLY A 518 1.57 6.96 10.60
N GLY A 519 1.19 5.90 9.89
CA GLY A 519 0.11 5.05 10.34
C GLY A 519 0.58 3.76 10.95
N GLU A 520 1.79 3.76 11.51
CA GLU A 520 2.29 2.57 12.18
C GLU A 520 1.43 2.22 13.38
N TYR A 521 1.04 3.22 14.18
CA TYR A 521 0.11 3.02 15.27
C TYR A 521 -1.22 3.70 15.05
N GLY A 522 -1.45 4.28 13.86
CA GLY A 522 -2.73 4.88 13.55
C GLY A 522 -2.87 6.34 13.93
N GLU A 523 -4.07 6.72 14.36
CA GLU A 523 -4.31 8.10 14.75
C GLU A 523 -3.46 8.51 15.94
N GLU A 524 -3.23 7.59 16.86
CA GLU A 524 -2.32 7.88 17.98
C GLU A 524 -0.91 8.14 17.47
N TRP A 525 -0.47 7.38 16.47
CA TRP A 525 0.84 7.64 15.87
C TRP A 525 0.88 8.99 15.19
N HIS A 526 -0.22 9.38 14.53
CA HIS A 526 -0.29 10.73 13.96
C HIS A 526 -0.19 11.77 15.07
N ASP A 527 -0.89 11.54 16.18
CA ASP A 527 -0.88 12.47 17.30
C ASP A 527 0.51 12.60 17.91
N ALA A 528 1.29 11.53 17.88
CA ALA A 528 2.64 11.58 18.42
C ALA A 528 3.58 12.44 17.58
N GLY A 529 3.25 12.67 16.31
CA GLY A 529 4.17 13.38 15.43
C GLY A 529 3.56 14.37 14.46
N ARG A 530 2.44 14.99 14.82
CA ARG A 530 1.77 15.93 13.93
C ARG A 530 1.82 17.34 14.49
N ARG A 531 1.87 18.31 13.58
CA ARG A 531 1.74 19.73 13.89
C ARG A 531 2.69 20.18 14.99
N ALA A 532 2.12 20.75 16.06
CA ALA A 532 2.94 21.37 17.09
C ALA A 532 3.90 20.38 17.74
N CYS A 533 3.41 19.18 18.04
CA CYS A 533 4.24 18.14 18.63
C CYS A 533 5.00 17.31 17.60
N LYS A 534 5.03 17.77 16.35
CA LYS A 534 5.72 17.04 15.29
C LYS A 534 7.24 17.19 15.37
N GLN A 535 7.72 18.31 15.92
CA GLN A 535 9.14 18.64 15.80
C GLN A 535 10.02 17.54 16.38
N ASN A 536 9.67 17.04 17.56
CA ASN A 536 10.51 16.03 18.21
C ASN A 536 10.67 14.79 17.34
N CYS A 537 9.75 14.56 16.42
CA CYS A 537 9.90 13.46 15.46
C CYS A 537 11.24 13.55 14.73
N PHE A 538 11.52 14.72 14.14
CA PHE A 538 12.82 14.88 13.49
C PHE A 538 13.98 14.69 14.44
N THR A 539 13.77 14.95 15.74
CA THR A 539 14.81 14.64 16.70
C THR A 539 15.01 13.13 16.83
N ASP A 540 13.92 12.38 16.98
CA ASP A 540 14.03 10.96 17.30
C ASP A 540 14.75 10.21 16.19
N PHE A 541 14.42 10.53 14.93
CA PHE A 541 15.11 9.91 13.81
C PHE A 541 16.62 10.10 13.94
N ILE A 542 17.05 11.30 14.32
CA ILE A 542 18.47 11.55 14.48
C ILE A 542 19.04 10.64 15.55
N GLU A 543 18.30 10.48 16.65
CA GLU A 543 18.74 9.56 17.70
C GLU A 543 18.93 8.16 17.15
N GLY A 544 18.09 7.77 16.18
CA GLY A 544 18.27 6.47 15.55
C GLY A 544 19.65 6.31 14.95
N ALA A 545 20.13 7.35 14.25
CA ALA A 545 21.46 7.30 13.68
C ALA A 545 22.52 7.04 14.74
N LYS A 546 22.30 7.54 15.96
CA LYS A 546 23.22 7.22 17.04
C LYS A 546 23.16 5.74 17.37
N PHE A 547 21.95 5.21 17.57
CA PHE A 547 21.81 3.84 18.06
C PHE A 547 22.45 2.85 17.11
N LEU A 548 22.14 2.95 15.82
CA LEU A 548 22.68 2.03 14.85
C LEU A 548 24.20 2.08 14.78
N HIS A 549 24.81 3.18 15.20
CA HIS A 549 26.27 3.24 15.27
C HIS A 549 26.81 2.87 16.64
N ARG A 550 26.00 3.03 17.69
CA ARG A 550 26.43 2.62 19.02
C ARG A 550 26.40 1.11 19.15
N GLN A 551 25.39 0.47 18.55
CA GLN A 551 25.27 -0.99 18.62
C GLN A 551 26.43 -1.68 17.94
N GLY A 552 26.84 -1.17 16.78
CA GLY A 552 27.98 -1.73 16.07
C GLY A 552 27.77 -1.87 14.58
N TYR A 553 26.51 -1.82 14.13
CA TYR A 553 26.18 -2.00 12.72
C TYR A 553 26.67 -0.79 11.95
N GLY A 554 27.80 -0.93 11.27
CA GLY A 554 28.29 0.15 10.45
C GLY A 554 28.99 1.22 11.26
N SER A 555 29.37 2.29 10.56
CA SER A 555 30.09 3.39 11.15
C SER A 555 29.53 4.73 10.68
N PRO A 556 29.56 5.75 11.53
CA PRO A 556 29.14 7.09 11.09
C PRO A 556 30.02 7.68 10.01
N GLN A 557 31.23 7.15 9.82
CA GLN A 557 32.15 7.71 8.84
C GLN A 557 31.59 7.62 7.43
N THR A 558 30.59 6.79 7.20
CA THR A 558 29.93 6.68 5.90
C THR A 558 28.57 6.02 6.10
N THR A 559 27.51 6.76 5.79
CA THR A 559 26.14 6.30 5.97
C THR A 559 25.25 7.03 4.99
N ALA A 560 24.07 6.46 4.71
CA ALA A 560 23.15 7.03 3.73
C ALA A 560 21.72 7.01 4.24
N ILE A 561 20.96 8.03 3.86
CA ILE A 561 19.53 8.09 4.16
C ILE A 561 18.81 8.59 2.91
N MET A 562 17.57 8.13 2.72
CA MET A 562 16.74 8.69 1.67
C MET A 562 15.28 8.40 1.95
N GLY A 563 14.42 9.23 1.38
CA GLY A 563 12.98 9.14 1.61
C GLY A 563 12.25 10.02 0.61
N GLY A 564 10.93 9.88 0.62
CA GLY A 564 10.11 10.57 -0.37
C GLY A 564 8.99 11.43 0.18
N SER A 565 8.63 12.47 -0.55
CA SER A 565 7.59 13.41 -0.14
C SER A 565 7.89 13.97 1.24
N ASN A 566 6.99 13.74 2.19
CA ASN A 566 7.24 14.19 3.56
C ASN A 566 8.52 13.54 4.09
N GLY A 567 8.75 12.28 3.73
CA GLY A 567 10.02 11.67 4.05
C GLY A 567 11.19 12.40 3.44
N GLY A 568 11.07 12.82 2.18
CA GLY A 568 12.07 13.67 1.59
C GLY A 568 12.28 14.96 2.37
N LEU A 569 11.23 15.42 3.06
CA LEU A 569 11.38 16.52 4.00
C LEU A 569 12.25 16.10 5.18
N LEU A 570 11.92 14.97 5.81
CA LEU A 570 12.57 14.62 7.08
C LEU A 570 14.06 14.38 6.88
N VAL A 571 14.44 13.71 5.79
CA VAL A 571 15.85 13.45 5.53
C VAL A 571 16.62 14.75 5.33
N ALA A 572 15.92 15.85 5.06
CA ALA A 572 16.55 17.16 5.04
C ALA A 572 16.44 17.86 6.39
N ALA A 573 15.34 17.66 7.11
CA ALA A 573 15.18 18.28 8.42
C ALA A 573 16.24 17.77 9.39
N VAL A 574 16.54 16.46 9.33
CA VAL A 574 17.60 15.90 10.15
C VAL A 574 18.96 16.47 9.83
N ALA A 575 19.06 17.28 8.78
CA ALA A 575 20.29 18.01 8.51
C ALA A 575 20.54 19.14 9.50
N ASN A 576 19.56 19.46 10.35
CA ASN A 576 19.72 20.54 11.32
C ASN A 576 20.30 20.05 12.64
N GLN A 577 19.78 18.93 13.15
CA GLN A 577 20.13 18.52 14.51
C GLN A 577 21.53 17.92 14.56
N ALA A 578 21.87 17.08 13.59
CA ALA A 578 23.22 16.51 13.47
C ALA A 578 23.72 16.72 12.05
N PRO A 579 24.09 17.96 11.70
CA PRO A 579 24.52 18.22 10.32
C PRO A 579 25.74 17.43 9.90
N GLU A 580 26.68 17.18 10.82
CA GLU A 580 27.93 16.54 10.44
C GLU A 580 27.82 15.02 10.44
N LEU A 581 26.88 14.47 11.21
CA LEU A 581 26.90 13.04 11.52
C LEU A 581 26.76 12.18 10.26
N PHE A 582 25.82 12.54 9.38
CA PHE A 582 25.61 11.72 8.19
C PHE A 582 26.71 11.97 7.17
N ARG A 583 26.68 11.20 6.10
CA ARG A 583 27.66 11.36 5.04
C ARG A 583 27.04 11.52 3.66
N CYS A 584 25.82 11.05 3.44
CA CYS A 584 25.13 11.27 2.18
C CYS A 584 23.63 11.03 2.38
N VAL A 585 22.81 11.87 1.76
CA VAL A 585 21.36 11.78 1.88
C VAL A 585 20.74 12.07 0.53
N VAL A 586 19.52 11.56 0.33
CA VAL A 586 18.76 11.76 -0.90
C VAL A 586 17.33 12.12 -0.53
N CYS A 587 16.81 13.18 -1.12
CA CYS A 587 15.42 13.58 -0.91
C CYS A 587 14.71 13.65 -2.26
N ARG A 588 13.49 13.12 -2.31
CA ARG A 588 12.74 12.97 -3.55
C ARG A 588 11.34 13.53 -3.34
N VAL A 589 10.84 14.26 -4.34
CA VAL A 589 9.48 14.81 -4.41
C VAL A 589 9.00 15.36 -3.07
N GLY A 590 9.92 15.92 -2.28
CA GLY A 590 9.61 16.40 -0.96
C GLY A 590 9.23 17.87 -0.92
N VAL A 591 8.73 18.28 0.24
CA VAL A 591 8.46 19.68 0.51
C VAL A 591 9.72 20.31 1.10
N LEU A 592 10.24 21.34 0.40
CA LEU A 592 11.50 21.92 0.81
C LEU A 592 11.40 23.42 1.12
N ASP A 593 10.19 23.96 1.26
CA ASP A 593 10.00 25.34 1.68
C ASP A 593 8.63 25.45 2.30
N MET A 594 8.58 25.63 3.62
CA MET A 594 7.33 25.71 4.34
C MET A 594 6.81 27.14 4.44
N TYR A 595 7.39 28.07 3.69
CA TYR A 595 6.90 29.44 3.66
C TYR A 595 6.02 29.71 2.45
N LYS A 596 6.13 28.91 1.41
CA LYS A 596 5.22 28.93 0.27
C LYS A 596 4.36 27.68 0.25
N PHE A 597 3.97 27.20 1.44
CA PHE A 597 3.31 25.91 1.55
C PHE A 597 1.91 25.93 0.99
N HIS A 598 1.03 26.73 1.57
CA HIS A 598 -0.37 26.76 1.20
C HIS A 598 -0.64 27.62 -0.03
N LYS A 599 0.32 28.40 -0.48
CA LYS A 599 0.10 29.35 -1.57
C LYS A 599 0.20 28.72 -2.95
N PHE A 600 0.50 27.42 -3.04
CA PHE A 600 0.70 26.79 -4.34
C PHE A 600 0.16 25.37 -4.32
N THR A 601 -0.37 24.95 -5.47
CA THR A 601 -0.80 23.60 -5.82
C THR A 601 -1.67 23.00 -4.70
N ILE A 602 -1.71 21.67 -4.63
CA ILE A 602 -2.59 20.96 -3.71
C ILE A 602 -1.96 20.83 -2.33
N GLY A 603 -0.81 21.48 -2.14
CA GLY A 603 -0.08 21.32 -0.89
C GLY A 603 -0.90 21.70 0.33
N HIS A 604 -1.69 22.76 0.22
CA HIS A 604 -2.50 23.21 1.35
C HIS A 604 -3.46 22.12 1.84
N ALA A 605 -3.76 21.14 0.99
CA ALA A 605 -4.62 20.04 1.39
C ALA A 605 -4.06 19.25 2.56
N TRP A 606 -2.75 19.36 2.84
CA TRP A 606 -2.20 18.71 4.03
C TRP A 606 -2.10 19.66 5.22
N LYS A 607 -3.03 20.61 5.35
CA LYS A 607 -3.00 21.52 6.50
C LYS A 607 -2.96 20.77 7.82
N SER A 608 -3.72 19.67 7.92
CA SER A 608 -3.76 18.89 9.15
C SER A 608 -2.39 18.44 9.60
N ASP A 609 -1.41 18.41 8.69
CA ASP A 609 -0.05 18.05 9.08
C ASP A 609 0.77 19.29 9.43
N TYR A 610 0.63 20.37 8.67
CA TYR A 610 1.51 21.53 8.80
C TYR A 610 0.80 22.76 9.33
N GLY A 611 -0.25 23.21 8.66
CA GLY A 611 -0.91 24.45 9.02
C GLY A 611 -0.44 25.61 8.16
N ASP A 612 -1.29 26.64 8.06
CA ASP A 612 -0.96 27.79 7.23
C ASP A 612 0.12 28.64 7.87
N PRO A 613 0.87 29.40 7.07
CA PRO A 613 1.92 30.26 7.63
C PRO A 613 1.41 31.59 8.14
N GLU A 614 0.10 31.70 8.38
CA GLU A 614 -0.47 32.93 8.92
C GLU A 614 -1.01 32.78 10.34
N LYS A 615 -1.26 31.55 10.79
CA LYS A 615 -1.60 31.32 12.19
C LYS A 615 -0.38 31.59 13.06
N GLU A 616 -0.60 32.16 14.24
CA GLU A 616 0.50 32.61 15.07
C GLU A 616 1.35 31.44 15.55
N GLU A 617 0.75 30.55 16.35
CA GLU A 617 1.52 29.47 16.97
C GLU A 617 2.02 28.47 15.93
N ASP A 618 1.24 28.24 14.87
CA ASP A 618 1.69 27.33 13.83
C ASP A 618 2.95 27.86 13.16
N PHE A 619 2.97 29.15 12.83
CA PHE A 619 4.17 29.73 12.21
C PHE A 619 5.31 29.81 13.21
N ARG A 620 5.02 30.03 14.49
CA ARG A 620 6.07 30.04 15.49
C ARG A 620 6.77 28.68 15.57
N VAL A 621 5.99 27.59 15.54
CA VAL A 621 6.60 26.27 15.52
C VAL A 621 7.32 26.03 14.19
N LEU A 622 6.74 26.51 13.09
CA LEU A 622 7.26 26.18 11.76
C LEU A 622 8.61 26.87 11.51
N GLN A 623 8.74 28.13 11.91
CA GLN A 623 9.89 28.93 11.50
C GLN A 623 11.21 28.47 12.09
N GLN A 624 11.20 27.58 13.09
CA GLN A 624 12.44 27.12 13.69
C GLN A 624 13.04 25.92 12.98
N TYR A 625 12.32 25.31 12.05
CA TYR A 625 12.79 24.08 11.42
C TYR A 625 12.65 24.08 9.90
N SER A 626 12.19 25.18 9.31
CA SER A 626 12.08 25.26 7.86
C SER A 626 13.44 25.05 7.22
N PRO A 627 13.59 24.10 6.30
CA PRO A 627 14.93 23.79 5.77
C PRO A 627 15.58 24.95 5.06
N LEU A 628 14.78 25.79 4.39
CA LEU A 628 15.33 26.91 3.65
C LEU A 628 15.78 28.05 4.55
N HIS A 629 15.47 27.99 5.85
CA HIS A 629 15.87 29.02 6.79
C HIS A 629 16.86 28.50 7.81
N ASN A 630 17.47 27.34 7.55
CA ASN A 630 18.38 26.75 8.53
C ASN A 630 19.68 26.23 7.94
N ILE A 631 19.82 26.10 6.62
CA ILE A 631 21.13 25.83 6.05
C ILE A 631 22.03 27.02 6.35
N LYS A 632 23.25 26.74 6.81
CA LYS A 632 24.07 27.78 7.39
C LYS A 632 25.52 27.39 7.14
N SER A 633 26.34 28.39 6.78
CA SER A 633 27.72 28.14 6.36
C SER A 633 28.59 27.66 7.53
N GLY A 634 29.82 27.33 7.22
CA GLY A 634 30.78 26.90 8.24
C GLY A 634 30.61 25.47 8.71
N ILE A 635 29.37 25.10 9.06
CA ILE A 635 29.07 23.77 9.59
C ILE A 635 29.33 22.71 8.53
N LYS A 636 29.39 21.45 8.96
CA LYS A 636 29.71 20.33 8.09
C LYS A 636 28.41 19.63 7.67
N TYR A 637 28.27 19.39 6.36
CA TYR A 637 27.06 18.79 5.81
C TYR A 637 27.39 17.53 5.00
N PRO A 638 26.46 16.60 4.92
CA PRO A 638 26.67 15.39 4.11
C PRO A 638 26.61 15.75 2.62
N ALA A 639 26.72 14.71 1.80
CA ALA A 639 26.49 14.84 0.37
C ALA A 639 24.98 14.78 0.10
N ILE A 640 24.45 15.80 -0.54
CA ILE A 640 23.00 15.93 -0.69
C ILE A 640 22.62 15.71 -2.15
N LEU A 641 21.66 14.83 -2.38
CA LEU A 641 20.99 14.66 -3.66
C LEU A 641 19.51 14.94 -3.50
N VAL A 642 18.98 15.79 -4.37
CA VAL A 642 17.55 16.03 -4.48
C VAL A 642 17.12 15.67 -5.89
N VAL A 643 16.08 14.85 -6.01
CA VAL A 643 15.55 14.44 -7.31
C VAL A 643 14.13 14.96 -7.42
N THR A 644 13.82 15.60 -8.55
CA THR A 644 12.52 16.24 -8.66
C THR A 644 12.10 16.35 -10.11
N GLY A 645 10.78 16.27 -10.33
CA GLY A 645 10.19 16.46 -11.65
C GLY A 645 9.75 17.90 -11.83
N ASP A 646 10.06 18.45 -13.01
CA ASP A 646 9.93 19.89 -13.21
C ASP A 646 8.48 20.39 -13.31
N HIS A 647 7.50 19.50 -13.42
CA HIS A 647 6.11 19.94 -13.53
C HIS A 647 5.17 19.10 -12.68
N ASP A 648 5.70 18.18 -11.88
CA ASP A 648 4.85 17.29 -11.10
C ASP A 648 4.00 18.08 -10.11
N ASP A 649 2.68 18.00 -10.27
CA ASP A 649 1.76 18.78 -9.45
C ASP A 649 1.55 18.20 -8.06
N ARG A 650 2.06 17.01 -7.77
CA ARG A 650 1.97 16.46 -6.42
C ARG A 650 2.70 17.36 -5.43
N VAL A 651 3.94 17.71 -5.73
CA VAL A 651 4.69 18.73 -5.00
C VAL A 651 5.42 19.58 -6.04
N VAL A 652 5.10 20.86 -6.09
CA VAL A 652 5.66 21.74 -7.11
C VAL A 652 7.16 21.86 -6.91
N PRO A 653 7.97 21.80 -7.97
CA PRO A 653 9.43 21.67 -7.79
C PRO A 653 10.17 22.98 -7.53
N LEU A 654 9.45 24.06 -7.19
CA LEU A 654 10.14 25.30 -6.86
C LEU A 654 10.96 25.15 -5.58
N HIS A 655 10.44 24.40 -4.61
CA HIS A 655 11.11 24.26 -3.32
C HIS A 655 12.47 23.59 -3.48
N SER A 656 12.53 22.53 -4.28
CA SER A 656 13.80 21.83 -4.47
C SER A 656 14.84 22.73 -5.12
N LEU A 657 14.43 23.50 -6.14
CA LEU A 657 15.37 24.40 -6.78
C LEU A 657 15.83 25.49 -5.83
N LYS A 658 14.92 26.03 -5.02
CA LYS A 658 15.30 27.00 -4.00
C LYS A 658 16.37 26.43 -3.08
N TYR A 659 16.10 25.25 -2.52
CA TYR A 659 17.05 24.63 -1.60
C TYR A 659 18.41 24.44 -2.24
N VAL A 660 18.43 23.81 -3.42
CA VAL A 660 19.71 23.45 -4.04
C VAL A 660 20.48 24.71 -4.41
N ALA A 661 19.81 25.72 -4.97
CA ALA A 661 20.52 26.94 -5.35
C ALA A 661 21.06 27.68 -4.14
N THR A 662 20.25 27.81 -3.08
CA THR A 662 20.70 28.56 -1.91
C THR A 662 21.92 27.93 -1.28
N LEU A 663 21.91 26.62 -1.07
CA LEU A 663 23.10 26.06 -0.46
C LEU A 663 24.22 25.81 -1.46
N GLN A 664 23.93 25.86 -2.77
CA GLN A 664 25.01 25.91 -3.75
C GLN A 664 25.78 27.21 -3.63
N HIS A 665 25.07 28.31 -3.35
CA HIS A 665 25.70 29.62 -3.27
C HIS A 665 25.85 30.11 -1.83
N MET A 666 25.78 29.23 -0.84
CA MET A 666 26.00 29.73 0.50
C MET A 666 27.17 29.11 1.23
N ASN A 667 27.40 27.80 1.11
CA ASN A 667 28.50 27.12 1.81
C ASN A 667 29.33 26.33 0.80
N PRO A 668 30.19 27.02 0.04
CA PRO A 668 30.90 26.38 -1.07
C PRO A 668 31.92 25.33 -0.66
N ASN A 669 32.84 25.68 0.24
CA ASN A 669 34.02 24.87 0.52
C ASN A 669 33.86 23.99 1.74
N GLU A 670 32.63 23.63 2.09
CA GLU A 670 32.36 22.81 3.26
C GLU A 670 31.70 21.50 2.81
N GLY A 671 31.22 20.74 3.78
CA GLY A 671 30.65 19.43 3.51
C GLY A 671 29.53 19.43 2.50
N GLY A 672 29.63 18.54 1.51
CA GLY A 672 28.67 18.44 0.45
C GLY A 672 28.97 17.23 -0.42
N PRO A 673 28.94 17.40 -1.75
CA PRO A 673 28.57 18.61 -2.50
C PRO A 673 27.07 18.75 -2.67
N PHE A 674 26.64 19.42 -3.72
CA PHE A 674 25.23 19.60 -4.05
C PHE A 674 24.89 18.84 -5.32
N LEU A 675 23.82 18.04 -5.28
CA LEU A 675 23.40 17.26 -6.44
C LEU A 675 21.90 17.43 -6.65
N ALA A 676 21.51 17.69 -7.89
CA ALA A 676 20.21 18.25 -8.23
C ALA A 676 19.56 17.44 -9.37
N ARG A 677 19.46 16.13 -9.19
CA ARG A 677 18.87 15.30 -10.23
C ARG A 677 17.42 15.69 -10.48
N ILE A 678 17.08 15.84 -11.76
CA ILE A 678 15.86 16.50 -12.18
C ILE A 678 15.27 15.75 -13.37
N GLU A 679 13.99 15.99 -13.60
CA GLU A 679 13.20 15.26 -14.59
C GLU A 679 12.65 16.29 -15.58
N VAL A 680 13.47 16.65 -16.56
CA VAL A 680 13.08 17.63 -17.57
C VAL A 680 12.77 16.90 -18.86
N ALA A 681 11.67 17.30 -19.50
CA ALA A 681 11.20 16.64 -20.72
C ALA A 681 10.18 17.52 -21.45
N ALA A 682 9.45 16.92 -22.38
CA ALA A 682 8.37 17.60 -23.08
C ALA A 682 7.15 16.68 -23.03
N GLY A 683 5.98 17.29 -22.80
CA GLY A 683 4.74 16.55 -22.71
C GLY A 683 4.27 16.22 -21.31
N HIS A 684 4.20 17.20 -20.41
CA HIS A 684 3.64 16.97 -19.09
C HIS A 684 2.13 16.84 -19.17
N GLY A 685 1.54 16.16 -18.19
CA GLY A 685 0.11 15.95 -18.14
C GLY A 685 -0.35 14.59 -18.60
N ALA A 686 0.56 13.71 -18.97
CA ALA A 686 0.26 12.35 -19.40
C ALA A 686 0.77 11.37 -18.35
N GLY A 687 0.65 10.08 -18.66
CA GLY A 687 1.09 9.06 -17.74
C GLY A 687 2.60 8.96 -17.69
N LYS A 688 3.08 8.20 -16.71
CA LYS A 688 4.51 8.03 -16.51
C LYS A 688 4.93 6.64 -16.97
N PRO A 689 5.62 6.50 -18.09
CA PRO A 689 6.10 5.18 -18.51
C PRO A 689 7.19 4.66 -17.58
N THR A 690 7.46 3.36 -17.72
CA THR A 690 8.40 2.70 -16.81
C THR A 690 9.84 3.16 -17.03
N SER A 691 10.14 3.71 -18.20
CA SER A 691 11.51 4.12 -18.49
C SER A 691 11.99 5.20 -17.53
N LYS A 692 11.14 6.19 -17.27
CA LYS A 692 11.53 7.30 -16.39
C LYS A 692 11.83 6.80 -14.99
N ILE A 693 10.91 6.05 -14.39
CA ILE A 693 11.10 5.60 -13.01
C ILE A 693 12.31 4.67 -12.92
N LEU A 694 12.46 3.78 -13.91
CA LEU A 694 13.59 2.86 -13.88
C LEU A 694 14.92 3.60 -13.97
N ARG A 695 15.04 4.54 -14.90
CA ARG A 695 16.30 5.28 -15.04
C ARG A 695 16.58 6.13 -13.81
N GLU A 696 15.55 6.75 -13.23
CA GLU A 696 15.76 7.57 -12.04
C GLU A 696 16.22 6.71 -10.86
N ALA A 697 15.60 5.53 -10.68
CA ALA A 697 16.03 4.64 -9.61
C ALA A 697 17.47 4.19 -9.83
N GLY A 698 17.82 3.88 -11.08
CA GLY A 698 19.20 3.54 -11.38
C GLY A 698 20.17 4.66 -11.03
N ASP A 699 19.79 5.89 -11.36
CA ASP A 699 20.66 7.04 -11.06
C ASP A 699 20.85 7.21 -9.56
N ILE A 700 19.75 7.19 -8.80
CA ILE A 700 19.88 7.43 -7.36
C ILE A 700 20.66 6.30 -6.70
N TYR A 701 20.46 5.07 -7.17
CA TYR A 701 21.14 3.96 -6.53
C TYR A 701 22.62 3.92 -6.91
N THR A 702 22.97 4.31 -8.13
CA THR A 702 24.39 4.40 -8.42
C THR A 702 25.03 5.56 -7.66
N PHE A 703 24.27 6.62 -7.38
CA PHE A 703 24.82 7.68 -6.53
C PHE A 703 25.14 7.17 -5.14
N ILE A 704 24.17 6.53 -4.49
CA ILE A 704 24.43 6.05 -3.14
C ILE A 704 25.57 5.04 -3.16
N ALA A 705 25.51 4.07 -4.08
CA ALA A 705 26.57 3.07 -4.15
C ALA A 705 27.93 3.71 -4.35
N LYS A 706 27.98 4.84 -5.07
CA LYS A 706 29.24 5.55 -5.24
C LYS A 706 29.72 6.16 -3.94
N ASN A 707 28.85 6.86 -3.23
CA ASN A 707 29.38 7.73 -2.18
C ASN A 707 29.59 7.02 -0.85
N ILE A 708 28.69 6.14 -0.43
CA ILE A 708 28.77 5.57 0.90
C ILE A 708 29.74 4.38 0.91
N ASN A 709 30.48 4.20 -0.19
CA ASN A 709 31.52 3.17 -0.29
C ASN A 709 30.92 1.77 -0.24
N ALA A 710 30.03 1.45 -1.17
CA ALA A 710 29.48 0.12 -1.27
C ALA A 710 30.34 -0.75 -2.19
N SER A 711 30.63 -1.97 -1.74
CA SER A 711 31.48 -2.88 -2.50
C SER A 711 30.61 -3.73 -3.41
N TRP A 712 30.79 -3.57 -4.73
CA TRP A 712 29.99 -4.31 -5.69
C TRP A 712 30.31 -5.80 -5.61
N LYS A 713 29.30 -6.63 -5.83
CA LYS A 713 29.46 -8.08 -5.82
C LYS A 713 30.22 -8.50 -7.07
N GLU A 714 31.53 -8.62 -6.94
CA GLU A 714 32.36 -9.08 -8.04
C GLU A 714 32.68 -10.56 -7.88
#